data_1SMZ
#
_entry.id   1SMZ
#
_cell.length_a   1.000
_cell.length_b   1.000
_cell.length_c   1.000
_cell.angle_alpha   90.00
_cell.angle_beta   90.00
_cell.angle_gamma   90.00
#
_symmetry.space_group_name_H-M   'P 1'
#
_entity_poly.entity_id   1
_entity_poly.type   'polypeptide(L)'
_entity_poly.pdbx_seq_one_letter_code
;GWTLNSAGYLLGKINLKALAALAKKIL
;
_entity_poly.pdbx_strand_id   A
#
# COMPACT_ATOMS: atom_id res chain seq x y z
N GLY A 1 -7.24 -12.18 -9.61
CA GLY A 1 -6.19 -11.18 -9.45
C GLY A 1 -5.06 -11.42 -10.45
N TRP A 2 -3.90 -10.86 -10.14
CA TRP A 2 -2.74 -11.01 -11.00
C TRP A 2 -3.12 -10.55 -12.40
N THR A 3 -3.25 -9.23 -12.54
CA THR A 3 -3.62 -8.65 -13.82
C THR A 3 -3.59 -7.12 -13.73
N LEU A 4 -3.73 -6.49 -14.90
CA LEU A 4 -3.71 -5.04 -14.96
C LEU A 4 -4.82 -4.48 -14.06
N ASN A 5 -5.82 -5.32 -13.81
CA ASN A 5 -6.93 -4.93 -12.96
C ASN A 5 -6.45 -4.75 -11.53
N SER A 6 -5.43 -5.53 -11.18
CA SER A 6 -4.87 -5.48 -9.85
C SER A 6 -4.02 -4.21 -9.69
N ALA A 7 -2.95 -4.15 -10.46
CA ALA A 7 -2.06 -3.00 -10.42
C ALA A 7 -2.87 -1.72 -10.63
N GLY A 8 -4.04 -1.90 -11.23
CA GLY A 8 -4.92 -0.77 -11.50
C GLY A 8 -4.87 0.24 -10.34
N TYR A 9 -5.20 -0.24 -9.16
CA TYR A 9 -5.20 0.60 -7.97
C TYR A 9 -5.32 -0.23 -6.71
N LEU A 10 -4.79 -1.45 -6.78
CA LEU A 10 -4.83 -2.34 -5.64
C LEU A 10 -3.40 -2.56 -5.11
N LEU A 11 -2.51 -1.70 -5.57
CA LEU A 11 -1.11 -1.77 -5.15
C LEU A 11 -0.74 -0.50 -4.40
N GLY A 12 -1.77 0.16 -3.86
CA GLY A 12 -1.57 1.39 -3.12
C GLY A 12 -2.65 1.57 -2.06
N LYS A 13 -3.88 1.33 -2.47
CA LYS A 13 -5.02 1.46 -1.57
C LYS A 13 -4.89 0.43 -0.45
N ILE A 14 -3.99 -0.52 -0.65
CA ILE A 14 -3.77 -1.57 0.32
C ILE A 14 -2.41 -1.35 0.99
N ASN A 15 -1.38 -1.30 0.15
CA ASN A 15 -0.03 -1.10 0.64
C ASN A 15 0.00 0.13 1.57
N LEU A 16 -0.99 0.98 1.40
CA LEU A 16 -1.09 2.19 2.21
C LEU A 16 -1.50 1.80 3.63
N LYS A 17 -2.23 0.71 3.73
CA LYS A 17 -2.69 0.23 5.02
C LYS A 17 -1.55 -0.53 5.72
N ALA A 18 -0.88 -1.36 4.94
CA ALA A 18 0.24 -2.14 5.46
C ALA A 18 1.42 -1.22 5.73
N LEU A 19 1.44 -0.11 5.00
CA LEU A 19 2.51 0.86 5.15
C LEU A 19 2.48 1.44 6.56
N ALA A 20 1.26 1.66 7.05
CA ALA A 20 1.08 2.20 8.39
C ALA A 20 1.68 1.25 9.41
N ALA A 21 1.81 -0.01 9.00
CA ALA A 21 2.37 -1.03 9.88
C ALA A 21 3.89 -1.06 9.70
N LEU A 22 4.32 -0.79 8.47
CA LEU A 22 5.73 -0.79 8.16
C LEU A 22 6.36 0.52 8.64
N ALA A 23 5.54 1.57 8.64
CA ALA A 23 6.00 2.88 9.07
C ALA A 23 5.91 2.97 10.59
N LYS A 24 5.11 2.08 11.16
CA LYS A 24 4.95 2.05 12.61
C LYS A 24 6.08 1.23 13.23
N LYS A 25 6.62 0.32 12.43
CA LYS A 25 7.71 -0.53 12.90
C LYS A 25 9.03 0.22 12.74
N ILE A 26 9.23 0.77 11.55
CA ILE A 26 10.45 1.51 11.27
C ILE A 26 10.50 2.76 12.14
N LEU A 27 9.32 3.18 12.58
CA LEU A 27 9.22 4.36 13.43
C LEU A 27 9.63 4.00 14.85
N GLY A 1 -2.53 -8.34 -7.11
CA GLY A 1 -1.57 -9.39 -7.38
C GLY A 1 -2.19 -10.49 -8.25
N TRP A 2 -2.80 -10.05 -9.34
CA TRP A 2 -3.43 -10.97 -10.26
C TRP A 2 -2.96 -10.63 -11.68
N THR A 3 -3.31 -9.43 -12.11
CA THR A 3 -2.94 -8.97 -13.42
C THR A 3 -2.42 -7.53 -13.36
N LEU A 4 -2.29 -6.92 -14.53
CA LEU A 4 -1.81 -5.55 -14.62
C LEU A 4 -2.97 -4.59 -14.38
N ASN A 5 -4.16 -5.06 -14.72
CA ASN A 5 -5.35 -4.24 -14.56
C ASN A 5 -5.83 -4.34 -13.10
N SER A 6 -5.49 -5.44 -12.48
CA SER A 6 -5.86 -5.67 -11.09
C SER A 6 -4.87 -4.98 -10.16
N ALA A 7 -3.60 -5.27 -10.39
CA ALA A 7 -2.54 -4.68 -9.59
C ALA A 7 -2.29 -3.24 -10.03
N GLY A 8 -3.06 -2.83 -11.03
CA GLY A 8 -2.94 -1.48 -11.56
C GLY A 8 -3.17 -0.44 -10.47
N TYR A 9 -4.05 -0.78 -9.54
CA TYR A 9 -4.37 0.11 -8.43
C TYR A 9 -4.60 -0.68 -7.15
N LEU A 10 -3.96 -1.83 -7.07
CA LEU A 10 -4.08 -2.68 -5.89
C LEU A 10 -2.70 -2.89 -5.26
N LEU A 11 -1.82 -1.95 -5.53
CA LEU A 11 -0.47 -2.00 -5.01
C LEU A 11 -0.19 -0.77 -4.15
N GLY A 12 -1.27 -0.06 -3.84
CA GLY A 12 -1.16 1.14 -3.02
C GLY A 12 -2.38 1.29 -2.11
N LYS A 13 -3.55 1.07 -2.68
CA LYS A 13 -4.78 1.18 -1.93
C LYS A 13 -4.72 0.24 -0.72
N ILE A 14 -3.81 -0.72 -0.81
CA ILE A 14 -3.64 -1.68 0.27
C ILE A 14 -2.32 -1.41 0.99
N ASN A 15 -1.26 -1.36 0.21
CA ASN A 15 0.07 -1.10 0.77
C ASN A 15 0.01 0.13 1.68
N LEU A 16 -0.99 0.97 1.42
CA LEU A 16 -1.18 2.18 2.21
C LEU A 16 -1.52 1.79 3.65
N LYS A 17 -2.25 0.70 3.78
CA LYS A 17 -2.65 0.21 5.08
C LYS A 17 -1.48 -0.55 5.73
N ALA A 18 -0.84 -1.38 4.93
CA ALA A 18 0.28 -2.17 5.41
C ALA A 18 1.46 -1.23 5.68
N LEU A 19 1.45 -0.10 4.98
CA LEU A 19 2.52 0.88 5.13
C LEU A 19 2.47 1.46 6.55
N ALA A 20 1.25 1.68 7.02
CA ALA A 20 1.06 2.24 8.35
C ALA A 20 1.67 1.29 9.39
N ALA A 21 1.79 0.03 8.98
CA ALA A 21 2.35 -0.99 9.86
C ALA A 21 3.87 -1.03 9.68
N LEU A 22 4.29 -0.76 8.46
CA LEU A 22 5.72 -0.76 8.15
C LEU A 22 6.34 0.55 8.62
N ALA A 23 5.52 1.58 8.64
CA ALA A 23 5.98 2.90 9.07
C ALA A 23 5.91 2.98 10.60
N LYS A 24 5.10 2.09 11.17
CA LYS A 24 4.94 2.05 12.61
C LYS A 24 6.06 1.22 13.22
N LYS A 25 6.59 0.31 12.42
CA LYS A 25 7.67 -0.55 12.87
C LYS A 25 9.00 0.19 12.73
N ILE A 26 9.21 0.74 11.53
CA ILE A 26 10.44 1.47 11.24
C ILE A 26 10.50 2.71 12.14
N LEU A 27 9.33 3.14 12.58
CA LEU A 27 9.24 4.31 13.44
C LEU A 27 8.90 3.87 14.87
N GLY A 1 3.56 15.76 -11.83
CA GLY A 1 2.37 16.51 -11.50
C GLY A 1 1.56 15.80 -10.41
N TRP A 2 0.74 14.85 -10.84
CA TRP A 2 -0.08 14.09 -9.92
C TRP A 2 0.84 13.18 -9.10
N THR A 3 1.09 13.60 -7.88
CA THR A 3 1.96 12.84 -6.99
C THR A 3 1.57 11.36 -7.02
N LEU A 4 2.57 10.51 -6.90
CA LEU A 4 2.36 9.07 -6.91
C LEU A 4 2.34 8.56 -5.47
N ASN A 5 3.05 9.27 -4.61
CA ASN A 5 3.11 8.90 -3.20
C ASN A 5 1.84 9.36 -2.49
N SER A 6 1.33 10.50 -2.95
CA SER A 6 0.12 11.06 -2.36
C SER A 6 -1.10 10.25 -2.81
N ALA A 7 -1.19 10.05 -4.11
CA ALA A 7 -2.29 9.29 -4.68
C ALA A 7 -2.05 7.79 -4.47
N GLY A 8 -0.92 7.50 -3.84
CA GLY A 8 -0.55 6.11 -3.59
C GLY A 8 -1.54 5.46 -2.61
N TYR A 9 -1.96 6.24 -1.63
CA TYR A 9 -2.90 5.76 -0.63
C TYR A 9 -4.22 5.36 -1.28
N LEU A 10 -4.38 5.77 -2.52
CA LEU A 10 -5.60 5.46 -3.27
C LEU A 10 -5.26 4.51 -4.41
N LEU A 11 -3.96 4.38 -4.67
CA LEU A 11 -3.51 3.50 -5.74
C LEU A 11 -4.03 2.09 -5.50
N GLY A 12 -3.78 1.59 -4.30
CA GLY A 12 -4.22 0.25 -3.93
C GLY A 12 -5.25 0.31 -2.81
N LYS A 13 -5.12 1.33 -1.97
CA LYS A 13 -6.03 1.51 -0.85
C LYS A 13 -5.77 0.41 0.19
N ILE A 14 -4.68 -0.31 -0.01
CA ILE A 14 -4.30 -1.38 0.89
C ILE A 14 -2.81 -1.30 1.19
N ASN A 15 -2.02 -1.22 0.12
CA ASN A 15 -0.59 -1.14 0.25
C ASN A 15 -0.22 -0.01 1.22
N LEU A 16 -1.14 0.94 1.33
CA LEU A 16 -0.94 2.08 2.21
C LEU A 16 -1.30 1.69 3.63
N LYS A 17 -2.21 0.74 3.73
CA LYS A 17 -2.66 0.26 5.03
C LYS A 17 -1.51 -0.50 5.72
N ALA A 18 -0.84 -1.32 4.93
CA ALA A 18 0.27 -2.09 5.45
C ALA A 18 1.45 -1.16 5.73
N LEU A 19 1.47 -0.05 5.01
CA LEU A 19 2.53 0.93 5.18
C LEU A 19 2.49 1.49 6.61
N ALA A 20 1.28 1.69 7.09
CA ALA A 20 1.09 2.21 8.43
C ALA A 20 1.71 1.25 9.45
N ALA A 21 1.84 0.00 9.02
CA ALA A 21 2.41 -1.03 9.88
C ALA A 21 3.93 -1.05 9.70
N LEU A 22 4.36 -0.75 8.47
CA LEU A 22 5.77 -0.74 8.16
C LEU A 22 6.39 0.58 8.66
N ALA A 23 5.55 1.61 8.67
CA ALA A 23 5.99 2.92 9.13
C ALA A 23 5.93 2.98 10.66
N LYS A 24 5.12 2.09 11.21
CA LYS A 24 4.95 2.03 12.65
C LYS A 24 6.10 1.21 13.27
N LYS A 25 6.63 0.32 12.45
CA LYS A 25 7.73 -0.54 12.90
C LYS A 25 9.04 0.22 12.77
N ILE A 26 9.23 0.84 11.61
CA ILE A 26 10.44 1.60 11.36
C ILE A 26 10.53 2.76 12.36
N LEU A 27 9.38 3.14 12.88
CA LEU A 27 9.31 4.22 13.85
C LEU A 27 10.12 3.84 15.09
N GLY A 1 -7.45 -8.99 -12.73
CA GLY A 1 -6.92 -8.62 -11.43
C GLY A 1 -5.41 -8.85 -11.38
N TRP A 2 -4.73 -8.38 -12.42
CA TRP A 2 -3.29 -8.52 -12.50
C TRP A 2 -2.78 -7.58 -13.59
N THR A 3 -3.18 -6.31 -13.47
CA THR A 3 -2.78 -5.31 -14.44
C THR A 3 -2.97 -3.91 -13.85
N LEU A 4 -3.20 -2.96 -14.75
CA LEU A 4 -3.41 -1.58 -14.34
C LEU A 4 -4.60 -1.50 -13.39
N ASN A 5 -5.44 -2.54 -13.47
CA ASN A 5 -6.62 -2.60 -12.62
C ASN A 5 -6.19 -2.67 -11.15
N SER A 6 -5.13 -3.44 -10.92
CA SER A 6 -4.62 -3.61 -9.57
C SER A 6 -4.16 -2.25 -9.02
N ALA A 7 -3.18 -1.68 -9.69
CA ALA A 7 -2.66 -0.39 -9.28
C ALA A 7 -3.75 0.68 -9.40
N GLY A 8 -4.80 0.32 -10.12
CA GLY A 8 -5.92 1.22 -10.32
C GLY A 8 -6.29 1.93 -9.00
N TYR A 9 -6.60 1.12 -8.01
CA TYR A 9 -6.97 1.64 -6.71
C TYR A 9 -6.75 0.60 -5.61
N LEU A 10 -5.74 -0.23 -5.82
CA LEU A 10 -5.43 -1.27 -4.86
C LEU A 10 -3.91 -1.27 -4.60
N LEU A 11 -3.32 -0.11 -4.79
CA LEU A 11 -1.89 0.05 -4.58
C LEU A 11 -1.64 0.83 -3.29
N GLY A 12 -2.73 1.37 -2.75
CA GLY A 12 -2.65 2.13 -1.53
C GLY A 12 -3.76 1.72 -0.54
N LYS A 13 -4.95 1.56 -1.08
CA LYS A 13 -6.10 1.17 -0.27
C LYS A 13 -5.67 0.08 0.71
N ILE A 14 -4.66 -0.69 0.30
CA ILE A 14 -4.15 -1.76 1.14
C ILE A 14 -2.66 -1.52 1.41
N ASN A 15 -1.91 -1.37 0.34
CA ASN A 15 -0.48 -1.15 0.46
C ASN A 15 -0.23 0.03 1.40
N LEU A 16 -1.13 1.00 1.34
CA LEU A 16 -1.02 2.17 2.19
C LEU A 16 -1.39 1.80 3.62
N LYS A 17 -2.21 0.77 3.74
CA LYS A 17 -2.66 0.30 5.04
C LYS A 17 -1.51 -0.46 5.71
N ALA A 18 -0.87 -1.31 4.93
CA ALA A 18 0.24 -2.10 5.44
C ALA A 18 1.44 -1.18 5.70
N LEU A 19 1.48 -0.08 4.97
CA LEU A 19 2.55 0.88 5.12
C LEU A 19 2.53 1.45 6.54
N ALA A 20 1.32 1.68 7.03
CA ALA A 20 1.14 2.22 8.37
C ALA A 20 1.74 1.25 9.40
N ALA A 21 1.85 0.00 8.98
CA ALA A 21 2.41 -1.03 9.85
C ALA A 21 3.93 -1.08 9.67
N LEU A 22 4.35 -0.79 8.44
CA LEU A 22 5.77 -0.80 8.12
C LEU A 22 6.40 0.51 8.60
N ALA A 23 5.59 1.55 8.61
CA ALA A 23 6.05 2.86 9.05
C ALA A 23 5.97 2.94 10.58
N LYS A 24 5.18 2.04 11.14
CA LYS A 24 5.00 2.01 12.58
C LYS A 24 6.13 1.18 13.21
N LYS A 25 6.66 0.26 12.41
CA LYS A 25 7.74 -0.60 12.87
C LYS A 25 9.05 0.18 12.85
N ILE A 26 9.31 0.82 11.72
CA ILE A 26 10.52 1.60 11.57
C ILE A 26 10.35 2.96 12.26
N LEU A 27 9.11 3.45 12.24
CA LEU A 27 8.80 4.72 12.87
C LEU A 27 9.94 5.70 12.60
N GLY A 1 -2.34 -13.45 -11.32
CA GLY A 1 -2.79 -12.32 -12.10
C GLY A 1 -2.15 -11.02 -11.61
N TRP A 2 -2.97 -10.22 -10.93
CA TRP A 2 -2.49 -8.96 -10.40
C TRP A 2 -2.29 -7.99 -11.58
N THR A 3 -3.35 -7.84 -12.37
CA THR A 3 -3.31 -6.96 -13.51
C THR A 3 -3.74 -5.54 -13.13
N LEU A 4 -4.43 -4.89 -14.06
CA LEU A 4 -4.91 -3.55 -13.82
C LEU A 4 -5.97 -3.57 -12.72
N ASN A 5 -6.57 -4.75 -12.54
CA ASN A 5 -7.59 -4.91 -11.52
C ASN A 5 -6.99 -4.65 -10.15
N SER A 6 -5.71 -4.97 -10.02
CA SER A 6 -5.01 -4.78 -8.77
C SER A 6 -4.83 -3.29 -8.50
N ALA A 7 -4.04 -2.65 -9.36
CA ALA A 7 -3.79 -1.23 -9.22
C ALA A 7 -5.12 -0.48 -9.11
N GLY A 8 -6.16 -1.12 -9.61
CA GLY A 8 -7.49 -0.53 -9.57
C GLY A 8 -7.72 0.20 -8.24
N TYR A 9 -7.69 -0.58 -7.16
CA TYR A 9 -7.90 -0.02 -5.84
C TYR A 9 -7.27 -0.91 -4.77
N LEU A 10 -6.18 -1.55 -5.14
CA LEU A 10 -5.46 -2.43 -4.22
C LEU A 10 -3.98 -2.03 -4.17
N LEU A 11 -3.74 -0.78 -4.55
CA LEU A 11 -2.38 -0.26 -4.55
C LEU A 11 -2.18 0.63 -3.32
N GLY A 12 -3.27 0.81 -2.57
CA GLY A 12 -3.23 1.63 -1.37
C GLY A 12 -4.21 1.10 -0.32
N LYS A 13 -5.40 0.78 -0.78
CA LYS A 13 -6.43 0.27 0.11
C LYS A 13 -5.82 -0.72 1.09
N ILE A 14 -4.75 -1.36 0.63
CA ILE A 14 -4.05 -2.34 1.46
C ILE A 14 -2.59 -1.91 1.63
N ASN A 15 -1.93 -1.71 0.50
CA ASN A 15 -0.54 -1.30 0.51
C ASN A 15 -0.38 -0.08 1.42
N LEU A 16 -1.39 0.77 1.39
CA LEU A 16 -1.37 1.98 2.20
C LEU A 16 -1.56 1.60 3.67
N LYS A 17 -2.22 0.47 3.87
CA LYS A 17 -2.48 -0.02 5.22
C LYS A 17 -1.19 -0.61 5.80
N ALA A 18 -0.52 -1.39 4.97
CA ALA A 18 0.72 -2.03 5.38
C ALA A 18 1.77 -0.95 5.66
N LEU A 19 1.65 0.15 4.94
CA LEU A 19 2.58 1.26 5.10
C LEU A 19 2.54 1.73 6.55
N ALA A 20 1.34 2.04 7.02
CA ALA A 20 1.15 2.51 8.38
C ALA A 20 1.68 1.45 9.35
N ALA A 21 1.85 0.25 8.83
CA ALA A 21 2.35 -0.85 9.64
C ALA A 21 3.87 -0.92 9.53
N LEU A 22 4.36 -0.65 8.33
CA LEU A 22 5.79 -0.68 8.08
C LEU A 22 6.42 0.60 8.63
N ALA A 23 5.63 1.67 8.63
CA ALA A 23 6.09 2.94 9.14
C ALA A 23 5.96 2.97 10.65
N LYS A 24 5.11 2.08 11.16
CA LYS A 24 4.89 2.00 12.60
C LYS A 24 5.97 1.12 13.22
N LYS A 25 6.51 0.23 12.41
CA LYS A 25 7.55 -0.67 12.87
C LYS A 25 8.90 0.04 12.80
N ILE A 26 9.17 0.63 11.64
CA ILE A 26 10.42 1.34 11.43
C ILE A 26 10.46 2.57 12.35
N LEU A 27 9.29 3.00 12.76
CA LEU A 27 9.18 4.16 13.64
C LEU A 27 8.72 3.69 15.02
N GLY A 1 -8.18 -13.70 -7.18
CA GLY A 1 -8.07 -12.49 -7.98
C GLY A 1 -6.62 -12.02 -8.06
N TRP A 2 -5.94 -12.51 -9.09
CA TRP A 2 -4.55 -12.15 -9.30
C TRP A 2 -4.39 -11.73 -10.76
N THR A 3 -4.99 -10.61 -11.09
CA THR A 3 -4.92 -10.09 -12.45
C THR A 3 -4.16 -8.75 -12.47
N LEU A 4 -3.89 -8.29 -13.69
CA LEU A 4 -3.18 -7.04 -13.85
C LEU A 4 -4.03 -5.89 -13.29
N ASN A 5 -5.31 -6.19 -13.09
CA ASN A 5 -6.23 -5.21 -12.56
C ASN A 5 -5.99 -5.03 -11.06
N SER A 6 -5.61 -6.14 -10.43
CA SER A 6 -5.36 -6.13 -9.00
C SER A 6 -4.10 -5.30 -8.71
N ALA A 7 -3.01 -5.70 -9.34
CA ALA A 7 -1.74 -5.00 -9.15
C ALA A 7 -1.66 -3.83 -10.13
N GLY A 8 -2.79 -3.55 -10.77
CA GLY A 8 -2.85 -2.47 -11.72
C GLY A 8 -2.91 -1.11 -11.02
N TYR A 9 -3.84 -1.00 -10.08
CA TYR A 9 -4.01 0.23 -9.33
C TYR A 9 -4.75 -0.03 -8.02
N LEU A 10 -4.53 -1.21 -7.46
CA LEU A 10 -5.17 -1.59 -6.21
C LEU A 10 -4.13 -2.13 -5.25
N LEU A 11 -2.89 -1.70 -5.46
CA LEU A 11 -1.79 -2.14 -4.62
C LEU A 11 -1.58 -1.13 -3.49
N GLY A 12 -1.69 0.14 -3.85
CA GLY A 12 -1.52 1.20 -2.88
C GLY A 12 -2.73 1.30 -1.95
N LYS A 13 -3.91 1.11 -2.55
CA LYS A 13 -5.14 1.16 -1.79
C LYS A 13 -5.04 0.24 -0.57
N ILE A 14 -4.13 -0.72 -0.66
CA ILE A 14 -3.92 -1.67 0.42
C ILE A 14 -2.53 -1.45 1.01
N ASN A 15 -1.53 -1.47 0.14
CA ASN A 15 -0.16 -1.28 0.57
C ASN A 15 -0.09 -0.07 1.50
N LEU A 16 -1.05 0.83 1.33
CA LEU A 16 -1.10 2.04 2.14
C LEU A 16 -1.39 1.66 3.58
N LYS A 17 -2.29 0.70 3.75
CA LYS A 17 -2.66 0.23 5.07
C LYS A 17 -1.48 -0.50 5.70
N ALA A 18 -0.85 -1.35 4.90
CA ALA A 18 0.29 -2.11 5.36
C ALA A 18 1.45 -1.16 5.69
N LEU A 19 1.43 -0.01 5.01
CA LEU A 19 2.46 0.99 5.22
C LEU A 19 2.42 1.48 6.66
N ALA A 20 1.22 1.87 7.08
CA ALA A 20 1.02 2.37 8.43
C ALA A 20 1.66 1.39 9.43
N ALA A 21 1.78 0.14 8.98
CA ALA A 21 2.37 -0.89 9.82
C ALA A 21 3.89 -0.90 9.62
N LEU A 22 4.30 -0.61 8.40
CA LEU A 22 5.71 -0.58 8.07
C LEU A 22 6.34 0.70 8.62
N ALA A 23 5.50 1.73 8.72
CA ALA A 23 5.95 3.01 9.22
C ALA A 23 5.91 3.00 10.75
N LYS A 24 5.11 2.10 11.29
CA LYS A 24 4.97 1.97 12.73
C LYS A 24 6.12 1.10 13.26
N LYS A 25 6.63 0.25 12.39
CA LYS A 25 7.71 -0.64 12.76
C LYS A 25 9.05 0.12 12.65
N ILE A 26 9.23 0.76 11.50
CA ILE A 26 10.44 1.51 11.26
C ILE A 26 10.54 2.65 12.27
N LEU A 27 9.39 3.04 12.80
CA LEU A 27 9.33 4.11 13.78
C LEU A 27 9.28 3.51 15.18
N GLY A 1 -9.65 -13.74 -13.36
CA GLY A 1 -10.51 -13.49 -12.22
C GLY A 1 -9.74 -12.83 -11.08
N TRP A 2 -9.62 -11.52 -11.17
CA TRP A 2 -8.90 -10.76 -10.15
C TRP A 2 -7.40 -10.92 -10.41
N THR A 3 -7.00 -10.63 -11.63
CA THR A 3 -5.60 -10.74 -12.02
C THR A 3 -4.89 -9.40 -11.82
N LEU A 4 -3.90 -9.17 -12.67
CA LEU A 4 -3.13 -7.93 -12.59
C LEU A 4 -4.08 -6.74 -12.60
N ASN A 5 -5.28 -6.98 -13.12
CA ASN A 5 -6.30 -5.94 -13.19
C ASN A 5 -6.69 -5.53 -11.77
N SER A 6 -6.69 -6.51 -10.88
CA SER A 6 -7.05 -6.26 -9.50
C SER A 6 -5.97 -5.41 -8.82
N ALA A 7 -4.78 -5.96 -8.79
CA ALA A 7 -3.65 -5.26 -8.18
C ALA A 7 -3.43 -3.93 -8.90
N GLY A 8 -4.02 -3.82 -10.09
CA GLY A 8 -3.89 -2.62 -10.88
C GLY A 8 -3.95 -1.37 -9.99
N TYR A 9 -4.84 -1.42 -9.00
CA TYR A 9 -5.00 -0.31 -8.09
C TYR A 9 -4.74 -0.74 -6.65
N LEU A 10 -4.54 -2.04 -6.48
CA LEU A 10 -4.28 -2.60 -5.17
C LEU A 10 -2.77 -2.73 -4.95
N LEU A 11 -2.05 -1.79 -5.54
CA LEU A 11 -0.60 -1.79 -5.43
C LEU A 11 -0.16 -0.67 -4.49
N GLY A 12 -1.13 0.20 -4.17
CA GLY A 12 -0.85 1.32 -3.29
C GLY A 12 -1.84 1.33 -2.11
N LYS A 13 -3.12 1.27 -2.45
CA LYS A 13 -4.16 1.28 -1.44
C LYS A 13 -3.73 0.40 -0.26
N ILE A 14 -3.93 -0.91 -0.44
CA ILE A 14 -3.56 -1.86 0.59
C ILE A 14 -2.19 -1.49 1.17
N ASN A 15 -1.20 -1.47 0.29
CA ASN A 15 0.15 -1.14 0.69
C ASN A 15 0.12 0.07 1.64
N LEU A 16 -0.87 0.92 1.43
CA LEU A 16 -1.04 2.11 2.25
C LEU A 16 -1.37 1.68 3.68
N LYS A 17 -2.36 0.79 3.79
CA LYS A 17 -2.78 0.30 5.09
C LYS A 17 -1.63 -0.46 5.75
N ALA A 18 -0.96 -1.28 4.95
CA ALA A 18 0.15 -2.07 5.44
C ALA A 18 1.34 -1.15 5.70
N LEU A 19 1.35 -0.02 4.99
CA LEU A 19 2.42 0.96 5.14
C LEU A 19 2.40 1.50 6.57
N ALA A 20 1.20 1.71 7.08
CA ALA A 20 1.04 2.23 8.42
C ALA A 20 1.67 1.25 9.43
N ALA A 21 1.78 0.01 9.00
CA ALA A 21 2.35 -1.03 9.83
C ALA A 21 3.87 -1.06 9.63
N LEU A 22 4.28 -0.75 8.41
CA LEU A 22 5.69 -0.75 8.07
C LEU A 22 6.32 0.56 8.56
N ALA A 23 5.50 1.60 8.59
CA ALA A 23 5.95 2.91 9.04
C ALA A 23 5.90 2.97 10.57
N LYS A 24 5.11 2.06 11.14
CA LYS A 24 4.96 2.00 12.58
C LYS A 24 6.11 1.18 13.18
N LYS A 25 6.64 0.28 12.36
CA LYS A 25 7.73 -0.57 12.79
C LYS A 25 9.05 0.21 12.68
N ILE A 26 9.23 0.85 11.54
CA ILE A 26 10.43 1.63 11.30
C ILE A 26 10.53 2.74 12.34
N LEU A 27 9.39 3.07 12.91
CA LEU A 27 9.33 4.11 13.93
C LEU A 27 9.06 3.47 15.29
N GLY A 1 -9.12 -10.36 -15.07
CA GLY A 1 -8.90 -8.92 -15.06
C GLY A 1 -10.23 -8.18 -14.95
N TRP A 2 -10.15 -6.98 -14.39
CA TRP A 2 -11.34 -6.15 -14.22
C TRP A 2 -11.04 -4.78 -14.84
N THR A 3 -10.09 -4.09 -14.24
CA THR A 3 -9.71 -2.77 -14.73
C THR A 3 -8.37 -2.34 -14.11
N LEU A 4 -7.85 -1.25 -14.63
CA LEU A 4 -6.58 -0.72 -14.15
C LEU A 4 -6.80 0.68 -13.57
N ASN A 5 -7.66 1.43 -14.23
CA ASN A 5 -7.96 2.78 -13.78
C ASN A 5 -8.91 2.72 -12.58
N SER A 6 -9.54 1.56 -12.43
CA SER A 6 -10.48 1.36 -11.33
C SER A 6 -9.78 0.60 -10.20
N ALA A 7 -9.19 -0.53 -10.56
CA ALA A 7 -8.49 -1.36 -9.58
C ALA A 7 -7.12 -0.75 -9.30
N GLY A 8 -6.85 0.36 -9.97
CA GLY A 8 -5.58 1.05 -9.80
C GLY A 8 -5.52 1.78 -8.46
N TYR A 9 -6.45 2.70 -8.28
CA TYR A 9 -6.53 3.48 -7.06
C TYR A 9 -6.86 2.58 -5.86
N LEU A 10 -7.25 1.36 -6.17
CA LEU A 10 -7.60 0.40 -5.13
C LEU A 10 -6.35 -0.42 -4.76
N LEU A 11 -5.25 0.29 -4.59
CA LEU A 11 -4.00 -0.35 -4.23
C LEU A 11 -3.63 0.03 -2.80
N GLY A 12 -3.57 1.34 -2.55
CA GLY A 12 -3.23 1.84 -1.24
C GLY A 12 -4.19 1.28 -0.18
N LYS A 13 -5.41 1.01 -0.62
CA LYS A 13 -6.43 0.48 0.28
C LYS A 13 -5.79 -0.56 1.21
N ILE A 14 -4.75 -1.20 0.69
CA ILE A 14 -4.06 -2.22 1.46
C ILE A 14 -2.58 -1.82 1.61
N ASN A 15 -1.94 -1.59 0.47
CA ASN A 15 -0.54 -1.19 0.46
C ASN A 15 -0.34 -0.02 1.43
N LEU A 16 -1.32 0.86 1.45
CA LEU A 16 -1.27 2.03 2.31
C LEU A 16 -1.50 1.59 3.76
N LYS A 17 -2.22 0.50 3.90
CA LYS A 17 -2.52 -0.03 5.22
C LYS A 17 -1.24 -0.62 5.83
N ALA A 18 -0.51 -1.36 5.00
CA ALA A 18 0.73 -1.97 5.45
C ALA A 18 1.76 -0.88 5.73
N LEU A 19 1.73 0.15 4.90
CA LEU A 19 2.66 1.26 5.04
C LEU A 19 2.55 1.83 6.46
N ALA A 20 1.35 1.76 7.00
CA ALA A 20 1.10 2.27 8.34
C ALA A 20 1.72 1.31 9.36
N ALA A 21 1.85 0.06 8.95
CA ALA A 21 2.43 -0.95 9.82
C ALA A 21 3.95 -0.95 9.65
N LEU A 22 4.38 -0.82 8.40
CA LEU A 22 5.79 -0.80 8.09
C LEU A 22 6.39 0.53 8.54
N ALA A 23 5.55 1.56 8.55
CA ALA A 23 5.98 2.88 8.95
C ALA A 23 5.89 2.99 10.47
N LYS A 24 5.11 2.10 11.05
CA LYS A 24 4.92 2.09 12.50
C LYS A 24 6.00 1.22 13.14
N LYS A 25 6.46 0.24 12.37
CA LYS A 25 7.49 -0.67 12.84
C LYS A 25 8.85 0.04 12.81
N ILE A 26 9.16 0.62 11.66
CA ILE A 26 10.41 1.33 11.49
C ILE A 26 10.41 2.58 12.37
N LEU A 27 9.26 3.23 12.42
CA LEU A 27 9.11 4.44 13.21
C LEU A 27 8.64 4.06 14.62
N GLY A 1 -5.04 15.47 -11.59
CA GLY A 1 -3.80 14.88 -12.04
C GLY A 1 -3.51 13.58 -11.29
N TRP A 2 -2.24 13.24 -11.21
CA TRP A 2 -1.82 12.03 -10.53
C TRP A 2 -0.29 12.00 -10.51
N THR A 3 0.26 12.29 -9.33
CA THR A 3 1.70 12.30 -9.16
C THR A 3 2.12 11.26 -8.12
N LEU A 4 3.26 11.53 -7.49
CA LEU A 4 3.78 10.63 -6.48
C LEU A 4 2.80 10.58 -5.30
N ASN A 5 2.00 11.62 -5.19
CA ASN A 5 1.02 11.70 -4.12
C ASN A 5 -0.09 10.67 -4.37
N SER A 6 -0.30 10.39 -5.65
CA SER A 6 -1.33 9.42 -6.03
C SER A 6 -0.82 8.00 -5.80
N ALA A 7 0.26 7.67 -6.50
CA ALA A 7 0.85 6.35 -6.37
C ALA A 7 1.45 6.19 -4.98
N GLY A 8 1.57 7.32 -4.29
CA GLY A 8 2.13 7.31 -2.94
C GLY A 8 1.39 6.31 -2.05
N TYR A 9 0.08 6.45 -2.02
CA TYR A 9 -0.75 5.56 -1.23
C TYR A 9 -2.17 5.46 -1.79
N LEU A 10 -2.26 5.61 -3.10
CA LEU A 10 -3.54 5.54 -3.77
C LEU A 10 -3.39 4.73 -5.07
N LEU A 11 -2.38 3.87 -5.08
CA LEU A 11 -2.12 3.04 -6.24
C LEU A 11 -2.75 1.67 -6.02
N GLY A 12 -2.54 1.13 -4.83
CA GLY A 12 -3.08 -0.18 -4.49
C GLY A 12 -4.28 -0.05 -3.55
N LYS A 13 -4.22 0.98 -2.72
CA LYS A 13 -5.29 1.23 -1.76
C LYS A 13 -5.20 0.22 -0.62
N ILE A 14 -4.17 -0.61 -0.68
CA ILE A 14 -3.95 -1.62 0.34
C ILE A 14 -2.56 -1.42 0.96
N ASN A 15 -1.56 -1.43 0.10
CA ASN A 15 -0.19 -1.25 0.54
C ASN A 15 -0.11 -0.03 1.48
N LEU A 16 -1.07 0.87 1.30
CA LEU A 16 -1.12 2.07 2.11
C LEU A 16 -1.45 1.69 3.56
N LYS A 17 -2.35 0.72 3.70
CA LYS A 17 -2.75 0.25 5.01
C LYS A 17 -1.59 -0.48 5.67
N ALA A 18 -0.95 -1.32 4.88
CA ALA A 18 0.18 -2.10 5.38
C ALA A 18 1.35 -1.15 5.68
N LEU A 19 1.34 -0.02 4.98
CA LEU A 19 2.39 0.97 5.17
C LEU A 19 2.36 1.48 6.62
N ALA A 20 1.17 1.83 7.06
CA ALA A 20 0.99 2.33 8.41
C ALA A 20 1.64 1.36 9.40
N ALA A 21 1.76 0.12 8.96
CA ALA A 21 2.36 -0.91 9.79
C ALA A 21 3.88 -0.91 9.59
N LEU A 22 4.28 -0.72 8.34
CA LEU A 22 5.69 -0.69 8.00
C LEU A 22 6.32 0.61 8.54
N ALA A 23 5.49 1.64 8.62
CA ALA A 23 5.95 2.93 9.11
C ALA A 23 5.90 2.92 10.64
N LYS A 24 5.26 1.90 11.18
CA LYS A 24 5.15 1.76 12.63
C LYS A 24 6.41 1.12 13.17
N LYS A 25 6.77 -0.02 12.58
CA LYS A 25 7.95 -0.75 13.00
C LYS A 25 9.17 0.17 12.91
N ILE A 26 9.38 0.72 11.73
CA ILE A 26 10.50 1.62 11.51
C ILE A 26 10.49 2.72 12.59
N LEU A 27 9.32 2.92 13.15
CA LEU A 27 9.16 3.93 14.20
C LEU A 27 10.02 3.55 15.41
N GLY A 1 -2.39 -14.06 -13.02
CA GLY A 1 -1.97 -12.81 -13.62
C GLY A 1 -2.78 -11.63 -13.07
N TRP A 2 -4.04 -11.57 -13.49
CA TRP A 2 -4.92 -10.51 -13.04
C TRP A 2 -4.49 -9.21 -13.73
N THR A 3 -5.48 -8.43 -14.12
CA THR A 3 -5.21 -7.17 -14.79
C THR A 3 -4.02 -6.45 -14.14
N LEU A 4 -3.25 -5.78 -14.98
CA LEU A 4 -2.09 -5.06 -14.50
C LEU A 4 -2.44 -3.58 -14.33
N ASN A 5 -3.41 -3.14 -15.13
CA ASN A 5 -3.85 -1.76 -15.09
C ASN A 5 -4.79 -1.57 -13.90
N SER A 6 -5.56 -2.61 -13.61
CA SER A 6 -6.50 -2.56 -12.51
C SER A 6 -5.76 -2.66 -11.18
N ALA A 7 -4.89 -3.66 -11.10
CA ALA A 7 -4.11 -3.86 -9.88
C ALA A 7 -2.94 -2.86 -9.86
N GLY A 8 -2.89 -2.04 -10.90
CA GLY A 8 -1.84 -1.05 -11.00
C GLY A 8 -2.11 0.14 -10.07
N TYR A 9 -3.38 0.48 -9.96
CA TYR A 9 -3.78 1.58 -9.10
C TYR A 9 -4.40 1.07 -7.80
N LEU A 10 -4.83 -0.18 -7.83
CA LEU A 10 -5.43 -0.80 -6.65
C LEU A 10 -4.37 -1.58 -5.89
N LEU A 11 -3.23 -0.94 -5.69
CA LEU A 11 -2.13 -1.56 -4.98
C LEU A 11 -1.88 -0.81 -3.67
N GLY A 12 -1.87 0.51 -3.77
CA GLY A 12 -1.65 1.36 -2.62
C GLY A 12 -2.87 1.37 -1.70
N LYS A 13 -4.04 1.34 -2.32
CA LYS A 13 -5.29 1.34 -1.58
C LYS A 13 -5.14 0.43 -0.35
N ILE A 14 -4.31 -0.59 -0.50
CA ILE A 14 -4.07 -1.52 0.58
C ILE A 14 -2.66 -1.32 1.13
N ASN A 15 -1.69 -1.33 0.23
CA ASN A 15 -0.30 -1.15 0.61
C ASN A 15 -0.19 0.06 1.55
N LEU A 16 -1.16 0.95 1.43
CA LEU A 16 -1.19 2.14 2.26
C LEU A 16 -1.41 1.74 3.72
N LYS A 17 -2.28 0.76 3.91
CA LYS A 17 -2.59 0.28 5.24
C LYS A 17 -1.39 -0.50 5.78
N ALA A 18 -0.81 -1.33 4.92
CA ALA A 18 0.33 -2.13 5.30
C ALA A 18 1.52 -1.21 5.60
N LEU A 19 1.51 -0.06 4.94
CA LEU A 19 2.58 0.91 5.11
C LEU A 19 2.52 1.46 6.54
N ALA A 20 1.30 1.69 7.01
CA ALA A 20 1.11 2.21 8.35
C ALA A 20 1.72 1.24 9.37
N ALA A 21 1.86 0.00 8.94
CA ALA A 21 2.42 -1.03 9.80
C ALA A 21 3.94 -1.04 9.63
N LEU A 22 4.37 -0.74 8.42
CA LEU A 22 5.79 -0.72 8.11
C LEU A 22 6.39 0.60 8.60
N ALA A 23 5.55 1.63 8.62
CA ALA A 23 5.99 2.94 9.07
C ALA A 23 5.89 3.03 10.59
N LYS A 24 5.10 2.12 11.14
CA LYS A 24 4.91 2.07 12.59
C LYS A 24 6.05 1.28 13.22
N LYS A 25 6.51 0.27 12.49
CA LYS A 25 7.60 -0.57 12.96
C LYS A 25 8.92 0.18 12.83
N ILE A 26 9.16 0.68 11.62
CA ILE A 26 10.38 1.42 11.35
C ILE A 26 10.45 2.64 12.28
N LEU A 27 9.28 3.06 12.74
CA LEU A 27 9.19 4.20 13.63
C LEU A 27 10.23 4.06 14.74
N GLY A 1 -4.13 -10.20 -6.64
CA GLY A 1 -4.62 -11.56 -6.49
C GLY A 1 -4.62 -12.31 -7.82
N TRP A 2 -5.30 -11.72 -8.80
CA TRP A 2 -5.39 -12.31 -10.12
C TRP A 2 -3.96 -12.39 -10.69
N THR A 3 -3.48 -11.24 -11.14
CA THR A 3 -2.14 -11.18 -11.71
C THR A 3 -1.64 -9.73 -11.71
N LEU A 4 -0.82 -9.42 -12.69
CA LEU A 4 -0.26 -8.09 -12.83
C LEU A 4 -1.40 -7.06 -12.83
N ASN A 5 -2.58 -7.54 -13.20
CA ASN A 5 -3.75 -6.68 -13.25
C ASN A 5 -4.03 -6.14 -11.85
N SER A 6 -3.75 -6.97 -10.86
CA SER A 6 -3.97 -6.58 -9.47
C SER A 6 -3.04 -5.43 -9.10
N ALA A 7 -1.75 -5.69 -9.19
CA ALA A 7 -0.75 -4.70 -8.87
C ALA A 7 -0.91 -3.49 -9.80
N GLY A 8 -1.66 -3.71 -10.87
CA GLY A 8 -1.90 -2.66 -11.84
C GLY A 8 -2.09 -1.31 -11.15
N TYR A 9 -2.94 -1.31 -10.14
CA TYR A 9 -3.22 -0.10 -9.39
C TYR A 9 -3.87 -0.42 -8.04
N LEU A 10 -3.51 -1.58 -7.51
CA LEU A 10 -4.05 -2.02 -6.23
C LEU A 10 -2.90 -2.38 -5.30
N LEU A 11 -1.71 -1.96 -5.69
CA LEU A 11 -0.52 -2.23 -4.89
C LEU A 11 -0.19 -1.00 -4.05
N GLY A 12 -1.03 0.01 -4.16
CA GLY A 12 -0.84 1.24 -3.43
C GLY A 12 -1.83 1.34 -2.26
N LYS A 13 -3.10 1.32 -2.60
CA LYS A 13 -4.16 1.40 -1.61
C LYS A 13 -3.83 0.47 -0.43
N ILE A 14 -4.07 -0.81 -0.66
CA ILE A 14 -3.80 -1.81 0.36
C ILE A 14 -2.45 -1.51 1.01
N ASN A 15 -1.41 -1.51 0.18
CA ASN A 15 -0.07 -1.24 0.66
C ASN A 15 -0.10 -0.04 1.60
N LEU A 16 -0.98 0.90 1.29
CA LEU A 16 -1.12 2.10 2.10
C LEU A 16 -1.45 1.71 3.54
N LYS A 17 -2.32 0.72 3.66
CA LYS A 17 -2.74 0.23 4.97
C LYS A 17 -1.57 -0.49 5.63
N ALA A 18 -0.93 -1.36 4.87
CA ALA A 18 0.21 -2.11 5.37
C ALA A 18 1.35 -1.15 5.68
N LEU A 19 1.34 -0.02 4.98
CA LEU A 19 2.37 0.98 5.17
C LEU A 19 2.34 1.49 6.61
N ALA A 20 1.14 1.84 7.05
CA ALA A 20 0.96 2.34 8.40
C ALA A 20 1.62 1.38 9.39
N ALA A 21 1.74 0.13 8.96
CA ALA A 21 2.35 -0.89 9.79
C ALA A 21 3.87 -0.88 9.58
N LEU A 22 4.25 -0.69 8.32
CA LEU A 22 5.67 -0.65 7.98
C LEU A 22 6.29 0.63 8.53
N ALA A 23 5.46 1.66 8.62
CA ALA A 23 5.92 2.95 9.13
C ALA A 23 5.90 2.92 10.67
N LYS A 24 5.24 1.90 11.19
CA LYS A 24 5.14 1.75 12.64
C LYS A 24 6.42 1.09 13.16
N LYS A 25 6.76 -0.03 12.55
CA LYS A 25 7.95 -0.77 12.95
C LYS A 25 9.16 0.16 12.87
N ILE A 26 9.38 0.71 11.69
CA ILE A 26 10.50 1.61 11.47
C ILE A 26 10.50 2.69 12.56
N LEU A 27 9.33 2.90 13.14
CA LEU A 27 9.18 3.89 14.19
C LEU A 27 9.29 3.20 15.55
N GLY A 1 -2.30 -9.16 -15.83
CA GLY A 1 -3.42 -9.47 -16.69
C GLY A 1 -4.59 -8.52 -16.44
N TRP A 2 -5.16 -8.65 -15.24
CA TRP A 2 -6.29 -7.81 -14.86
C TRP A 2 -5.97 -6.37 -15.28
N THR A 3 -7.02 -5.60 -15.49
CA THR A 3 -6.87 -4.20 -15.88
C THR A 3 -5.68 -3.58 -15.16
N LEU A 4 -5.13 -2.54 -15.77
CA LEU A 4 -3.99 -1.84 -15.21
C LEU A 4 -4.43 -0.48 -14.68
N ASN A 5 -5.49 0.04 -15.30
CA ASN A 5 -6.02 1.33 -14.90
C ASN A 5 -6.96 1.14 -13.71
N SER A 6 -7.63 0.00 -13.70
CA SER A 6 -8.56 -0.32 -12.63
C SER A 6 -7.79 -0.75 -11.38
N ALA A 7 -6.84 -1.64 -11.59
CA ALA A 7 -6.03 -2.14 -10.49
C ALA A 7 -4.97 -1.10 -10.13
N GLY A 8 -5.00 0.00 -10.86
CA GLY A 8 -4.05 1.09 -10.63
C GLY A 8 -4.13 1.58 -9.18
N TYR A 9 -5.33 1.55 -8.64
CA TYR A 9 -5.56 1.98 -7.27
C TYR A 9 -5.80 0.80 -6.34
N LEU A 10 -5.32 -0.36 -6.77
CA LEU A 10 -5.48 -1.57 -6.00
C LEU A 10 -4.14 -1.94 -5.35
N LEU A 11 -3.07 -1.51 -6.00
CA LEU A 11 -1.73 -1.78 -5.49
C LEU A 11 -1.23 -0.57 -4.70
N GLY A 12 -2.14 -0.01 -3.92
CA GLY A 12 -1.81 1.15 -3.10
C GLY A 12 -2.86 1.38 -2.01
N LYS A 13 -4.12 1.21 -2.40
CA LYS A 13 -5.21 1.39 -1.47
C LYS A 13 -5.07 0.40 -0.31
N ILE A 14 -4.23 -0.60 -0.54
CA ILE A 14 -3.99 -1.62 0.47
C ILE A 14 -2.59 -1.44 1.04
N ASN A 15 -1.61 -1.47 0.15
CA ASN A 15 -0.22 -1.31 0.54
C ASN A 15 -0.09 -0.09 1.46
N LEU A 16 -1.05 0.81 1.32
CA LEU A 16 -1.04 2.02 2.13
C LEU A 16 -1.37 1.67 3.57
N LYS A 17 -2.27 0.72 3.73
CA LYS A 17 -2.68 0.27 5.06
C LYS A 17 -1.51 -0.47 5.72
N ALA A 18 -0.88 -1.32 4.93
CA ALA A 18 0.26 -2.10 5.42
C ALA A 18 1.42 -1.15 5.72
N LEU A 19 1.42 -0.02 5.03
CA LEU A 19 2.47 0.97 5.22
C LEU A 19 2.43 1.47 6.67
N ALA A 20 1.25 1.89 7.09
CA ALA A 20 1.06 2.39 8.44
C ALA A 20 1.70 1.42 9.44
N ALA A 21 1.81 0.17 9.00
CA ALA A 21 2.38 -0.86 9.84
C ALA A 21 3.90 -0.89 9.64
N LEU A 22 4.31 -0.62 8.40
CA LEU A 22 5.72 -0.60 8.07
C LEU A 22 6.35 0.69 8.59
N ALA A 23 5.53 1.71 8.71
CA ALA A 23 5.99 3.00 9.20
C ALA A 23 5.93 3.02 10.73
N LYS A 24 5.18 2.06 11.26
CA LYS A 24 5.03 1.96 12.70
C LYS A 24 6.13 1.05 13.27
N LYS A 25 6.67 0.22 12.38
CA LYS A 25 7.73 -0.70 12.77
C LYS A 25 9.08 0.01 12.66
N ILE A 26 9.20 0.80 11.61
CA ILE A 26 10.44 1.53 11.38
C ILE A 26 10.37 2.88 12.10
N LEU A 27 9.16 3.45 12.10
CA LEU A 27 8.95 4.74 12.74
C LEU A 27 10.16 5.65 12.49
N GLY A 1 -8.24 -6.10 -15.55
CA GLY A 1 -9.37 -7.02 -15.39
C GLY A 1 -9.37 -7.63 -13.98
N TRP A 2 -9.08 -8.91 -13.94
CA TRP A 2 -9.05 -9.63 -12.67
C TRP A 2 -7.70 -10.35 -12.57
N THR A 3 -6.64 -9.55 -12.53
CA THR A 3 -5.29 -10.10 -12.44
C THR A 3 -4.33 -9.05 -11.88
N LEU A 4 -3.09 -9.13 -12.33
CA LEU A 4 -2.07 -8.20 -11.88
C LEU A 4 -2.52 -6.77 -12.17
N ASN A 5 -3.49 -6.67 -13.08
CA ASN A 5 -4.02 -5.36 -13.47
C ASN A 5 -4.64 -4.69 -12.24
N SER A 6 -5.36 -5.50 -11.48
CA SER A 6 -6.01 -4.99 -10.28
C SER A 6 -5.00 -4.27 -9.38
N ALA A 7 -4.02 -5.03 -8.92
CA ALA A 7 -2.99 -4.47 -8.07
C ALA A 7 -2.32 -3.30 -8.78
N GLY A 8 -2.48 -3.26 -10.09
CA GLY A 8 -1.91 -2.20 -10.89
C GLY A 8 -2.00 -0.86 -10.17
N TYR A 9 -3.18 -0.60 -9.61
CA TYR A 9 -3.41 0.64 -8.89
C TYR A 9 -4.11 0.38 -7.57
N LEU A 10 -3.86 -0.81 -7.02
CA LEU A 10 -4.46 -1.20 -5.75
C LEU A 10 -3.36 -1.45 -4.73
N LEU A 11 -2.30 -2.11 -5.19
CA LEU A 11 -1.18 -2.42 -4.33
C LEU A 11 -0.86 -1.21 -3.44
N GLY A 12 -0.83 -0.05 -4.09
CA GLY A 12 -0.55 1.18 -3.37
C GLY A 12 -1.59 1.44 -2.27
N LYS A 13 -2.85 1.41 -2.70
CA LYS A 13 -3.95 1.65 -1.77
C LYS A 13 -3.79 0.73 -0.56
N ILE A 14 -3.84 -0.56 -0.83
CA ILE A 14 -3.72 -1.55 0.24
C ILE A 14 -2.38 -1.33 0.96
N ASN A 15 -1.32 -1.32 0.18
CA ASN A 15 0.02 -1.13 0.73
C ASN A 15 0.00 0.10 1.65
N LEU A 16 -0.94 0.99 1.39
CA LEU A 16 -1.07 2.21 2.18
C LEU A 16 -1.47 1.83 3.61
N LYS A 17 -2.28 0.79 3.72
CA LYS A 17 -2.74 0.32 5.01
C LYS A 17 -1.62 -0.45 5.70
N ALA A 18 -0.97 -1.31 4.92
CA ALA A 18 0.12 -2.12 5.44
C ALA A 18 1.34 -1.23 5.70
N LEU A 19 1.38 -0.11 4.98
CA LEU A 19 2.47 0.83 5.12
C LEU A 19 2.46 1.42 6.53
N ALA A 20 1.25 1.67 7.02
CA ALA A 20 1.09 2.22 8.35
C ALA A 20 1.67 1.26 9.38
N ALA A 21 1.75 0.00 8.98
CA ALA A 21 2.29 -1.03 9.85
C ALA A 21 3.81 -1.11 9.66
N LEU A 22 4.24 -0.85 8.44
CA LEU A 22 5.66 -0.89 8.13
C LEU A 22 6.31 0.40 8.59
N ALA A 23 5.52 1.47 8.60
CA ALA A 23 6.02 2.77 9.02
C ALA A 23 5.96 2.86 10.55
N LYS A 24 5.16 1.98 11.13
CA LYS A 24 5.01 1.95 12.57
C LYS A 24 6.17 1.17 13.19
N LYS A 25 6.74 0.29 12.38
CA LYS A 25 7.87 -0.52 12.83
C LYS A 25 9.15 0.30 12.75
N ILE A 26 9.30 1.00 11.63
CA ILE A 26 10.47 1.82 11.41
C ILE A 26 10.52 2.92 12.48
N LEU A 27 9.37 3.15 13.09
CA LEU A 27 9.26 4.18 14.12
C LEU A 27 8.97 3.51 15.47
N GLY A 1 -9.57 20.21 -2.79
CA GLY A 1 -9.32 19.29 -3.89
C GLY A 1 -7.86 19.34 -4.33
N TRP A 2 -7.39 18.21 -4.84
CA TRP A 2 -6.01 18.11 -5.30
C TRP A 2 -5.09 18.25 -4.08
N THR A 3 -4.71 17.11 -3.54
CA THR A 3 -3.84 17.09 -2.37
C THR A 3 -3.09 15.77 -2.29
N LEU A 4 -2.14 15.72 -1.37
CA LEU A 4 -1.33 14.52 -1.18
C LEU A 4 -2.19 13.45 -0.48
N ASN A 5 -3.21 13.92 0.21
CA ASN A 5 -4.11 13.02 0.92
C ASN A 5 -5.02 12.32 -0.09
N SER A 6 -5.18 12.96 -1.24
CA SER A 6 -6.03 12.41 -2.29
C SER A 6 -5.35 11.18 -2.91
N ALA A 7 -4.17 11.41 -3.45
CA ALA A 7 -3.42 10.34 -4.08
C ALA A 7 -2.53 9.66 -3.03
N GLY A 8 -2.84 9.95 -1.77
CA GLY A 8 -2.07 9.37 -0.68
C GLY A 8 -2.59 7.98 -0.32
N TYR A 9 -3.91 7.87 -0.22
CA TYR A 9 -4.53 6.60 0.11
C TYR A 9 -4.76 5.76 -1.15
N LEU A 10 -4.90 6.46 -2.27
CA LEU A 10 -5.12 5.79 -3.55
C LEU A 10 -3.80 5.20 -4.04
N LEU A 11 -2.71 5.65 -3.42
CA LEU A 11 -1.39 5.18 -3.79
C LEU A 11 -1.45 3.67 -4.07
N GLY A 12 -1.63 2.92 -3.00
CA GLY A 12 -1.70 1.47 -3.11
C GLY A 12 -3.07 0.96 -2.64
N LYS A 13 -3.82 1.85 -2.00
CA LYS A 13 -5.13 1.49 -1.50
C LYS A 13 -4.98 0.56 -0.30
N ILE A 14 -4.24 -0.52 -0.52
CA ILE A 14 -4.01 -1.50 0.53
C ILE A 14 -2.58 -1.35 1.06
N ASN A 15 -1.65 -1.28 0.12
CA ASN A 15 -0.24 -1.14 0.48
C ASN A 15 -0.08 0.05 1.42
N LEU A 16 -1.06 0.94 1.38
CA LEU A 16 -1.03 2.13 2.22
C LEU A 16 -1.41 1.74 3.64
N LYS A 17 -2.24 0.71 3.74
CA LYS A 17 -2.68 0.23 5.04
C LYS A 17 -1.53 -0.51 5.72
N ALA A 18 -0.86 -1.35 4.95
CA ALA A 18 0.25 -2.12 5.46
C ALA A 18 1.43 -1.19 5.73
N LEU A 19 1.44 -0.07 5.01
CA LEU A 19 2.50 0.91 5.15
C LEU A 19 2.48 1.47 6.58
N ALA A 20 1.26 1.67 7.08
CA ALA A 20 1.08 2.21 8.41
C ALA A 20 1.70 1.25 9.43
N ALA A 21 1.82 -0.01 9.02
CA ALA A 21 2.39 -1.02 9.88
C ALA A 21 3.91 -1.05 9.69
N LEU A 22 4.33 -0.77 8.47
CA LEU A 22 5.75 -0.75 8.14
C LEU A 22 6.37 0.57 8.63
N ALA A 23 5.54 1.60 8.65
CA ALA A 23 5.99 2.91 9.08
C ALA A 23 5.91 2.99 10.61
N LYS A 24 5.12 2.09 11.18
CA LYS A 24 4.95 2.05 12.61
C LYS A 24 6.08 1.21 13.23
N LYS A 25 6.62 0.31 12.42
CA LYS A 25 7.70 -0.55 12.87
C LYS A 25 9.02 0.20 12.74
N ILE A 26 9.20 0.82 11.59
CA ILE A 26 10.42 1.58 11.32
C ILE A 26 10.53 2.72 12.31
N LEU A 27 9.38 3.10 12.86
CA LEU A 27 9.33 4.19 13.83
C LEU A 27 9.65 3.65 15.21
N GLY A 1 6.11 3.68 -16.43
CA GLY A 1 6.88 4.85 -16.04
C GLY A 1 8.25 4.45 -15.46
N TRP A 2 8.94 5.45 -14.94
CA TRP A 2 10.25 5.21 -14.35
C TRP A 2 10.13 5.43 -12.84
N THR A 3 9.47 6.51 -12.48
CA THR A 3 9.28 6.84 -11.08
C THR A 3 7.93 6.32 -10.58
N LEU A 4 6.99 6.24 -11.52
CA LEU A 4 5.66 5.76 -11.19
C LEU A 4 5.76 4.61 -10.18
N ASN A 5 6.87 3.88 -10.27
CA ASN A 5 7.10 2.76 -9.38
C ASN A 5 6.76 3.17 -7.95
N SER A 6 6.88 4.47 -7.70
CA SER A 6 6.60 5.01 -6.38
C SER A 6 5.14 4.74 -6.01
N ALA A 7 4.24 5.27 -6.84
CA ALA A 7 2.81 5.10 -6.62
C ALA A 7 2.43 3.65 -6.92
N GLY A 8 3.37 2.94 -7.54
CA GLY A 8 3.13 1.54 -7.88
C GLY A 8 2.54 0.77 -6.70
N TYR A 9 2.93 1.20 -5.51
CA TYR A 9 2.45 0.57 -4.29
C TYR A 9 1.67 1.56 -3.43
N LEU A 10 1.10 2.55 -4.09
CA LEU A 10 0.31 3.56 -3.39
C LEU A 10 -0.94 3.89 -4.22
N LEU A 11 -1.22 3.01 -5.17
CA LEU A 11 -2.38 3.20 -6.03
C LEU A 11 -3.38 2.07 -5.78
N GLY A 12 -3.12 1.32 -4.71
CA GLY A 12 -3.99 0.21 -4.35
C GLY A 12 -4.67 0.47 -3.01
N LYS A 13 -4.10 1.39 -2.25
CA LYS A 13 -4.65 1.73 -0.95
C LYS A 13 -4.22 0.68 0.08
N ILE A 14 -4.49 -0.57 -0.26
CA ILE A 14 -4.14 -1.67 0.61
C ILE A 14 -2.71 -1.49 1.11
N ASN A 15 -1.79 -1.42 0.16
CA ASN A 15 -0.38 -1.25 0.49
C ASN A 15 -0.23 -0.03 1.41
N LEU A 16 -1.18 0.88 1.30
CA LEU A 16 -1.17 2.09 2.12
C LEU A 16 -1.49 1.72 3.57
N LYS A 17 -2.24 0.63 3.72
CA LYS A 17 -2.62 0.16 5.04
C LYS A 17 -1.43 -0.55 5.69
N ALA A 18 -0.80 -1.41 4.90
CA ALA A 18 0.34 -2.16 5.37
C ALA A 18 1.49 -1.20 5.69
N LEU A 19 1.47 -0.07 5.00
CA LEU A 19 2.50 0.95 5.20
C LEU A 19 2.44 1.45 6.64
N ALA A 20 1.24 1.82 7.05
CA ALA A 20 1.04 2.33 8.40
C ALA A 20 1.68 1.36 9.41
N ALA A 21 1.84 0.13 8.97
CA ALA A 21 2.42 -0.90 9.81
C ALA A 21 3.94 -0.90 9.62
N LEU A 22 4.35 -0.63 8.39
CA LEU A 22 5.76 -0.59 8.07
C LEU A 22 6.37 0.71 8.59
N ALA A 23 5.53 1.73 8.69
CA ALA A 23 5.97 3.03 9.18
C ALA A 23 5.93 3.03 10.71
N LYS A 24 5.16 2.10 11.25
CA LYS A 24 5.02 1.99 12.69
C LYS A 24 6.20 1.18 13.25
N LYS A 25 6.60 0.18 12.48
CA LYS A 25 7.69 -0.68 12.88
C LYS A 25 9.01 0.11 12.79
N ILE A 26 9.22 0.69 11.62
CA ILE A 26 10.42 1.47 11.38
C ILE A 26 10.53 2.57 12.45
N LEU A 27 9.40 2.87 13.05
CA LEU A 27 9.35 3.90 14.09
C LEU A 27 9.98 3.36 15.36
N GLY A 1 -9.36 -10.72 -7.90
CA GLY A 1 -8.91 -11.72 -6.94
C GLY A 1 -7.89 -12.67 -7.59
N TRP A 2 -6.72 -12.75 -6.98
CA TRP A 2 -5.66 -13.61 -7.48
C TRP A 2 -5.13 -13.00 -8.78
N THR A 3 -4.35 -11.95 -8.62
CA THR A 3 -3.77 -11.26 -9.76
C THR A 3 -2.50 -10.52 -9.36
N LEU A 4 -1.79 -10.03 -10.36
CA LEU A 4 -0.56 -9.31 -10.12
C LEU A 4 -0.51 -8.07 -11.02
N ASN A 5 -0.84 -8.29 -12.29
CA ASN A 5 -0.84 -7.21 -13.26
C ASN A 5 -2.01 -6.26 -12.97
N SER A 6 -2.97 -6.78 -12.22
CA SER A 6 -4.13 -6.00 -11.85
C SER A 6 -3.86 -5.20 -10.57
N ALA A 7 -3.49 -5.92 -9.53
CA ALA A 7 -3.19 -5.29 -8.25
C ALA A 7 -1.84 -4.57 -8.35
N GLY A 8 -1.19 -4.75 -9.48
CA GLY A 8 0.10 -4.12 -9.72
C GLY A 8 0.00 -2.60 -9.60
N TYR A 9 -1.23 -2.11 -9.71
CA TYR A 9 -1.47 -0.68 -9.63
C TYR A 9 -2.41 -0.35 -8.47
N LEU A 10 -2.92 -1.41 -7.85
CA LEU A 10 -3.84 -1.24 -6.73
C LEU A 10 -3.15 -1.73 -5.45
N LEU A 11 -1.84 -1.89 -5.53
CA LEU A 11 -1.06 -2.36 -4.40
C LEU A 11 -0.79 -1.18 -3.46
N GLY A 12 -0.82 0.01 -4.04
CA GLY A 12 -0.57 1.22 -3.26
C GLY A 12 -1.63 1.40 -2.19
N LYS A 13 -2.88 1.44 -2.62
CA LYS A 13 -4.00 1.61 -1.71
C LYS A 13 -3.80 0.68 -0.50
N ILE A 14 -3.82 -0.63 -0.79
CA ILE A 14 -3.64 -1.62 0.25
C ILE A 14 -2.33 -1.37 0.98
N ASN A 15 -1.25 -1.33 0.20
CA ASN A 15 0.07 -1.10 0.75
C ASN A 15 0.02 0.12 1.68
N LEU A 16 -0.95 0.99 1.41
CA LEU A 16 -1.10 2.19 2.21
C LEU A 16 -1.50 1.80 3.64
N LYS A 17 -2.26 0.72 3.74
CA LYS A 17 -2.71 0.23 5.03
C LYS A 17 -1.57 -0.51 5.72
N ALA A 18 -0.90 -1.36 4.93
CA ALA A 18 0.21 -2.14 5.45
C ALA A 18 1.40 -1.22 5.72
N LEU A 19 1.42 -0.11 4.98
CA LEU A 19 2.49 0.86 5.13
C LEU A 19 2.46 1.43 6.55
N ALA A 20 1.26 1.66 7.04
CA ALA A 20 1.07 2.20 8.37
C ALA A 20 1.69 1.24 9.40
N ALA A 21 1.80 -0.01 8.99
CA ALA A 21 2.37 -1.03 9.86
C ALA A 21 3.89 -1.07 9.68
N LEU A 22 4.31 -0.79 8.45
CA LEU A 22 5.72 -0.79 8.13
C LEU A 22 6.35 0.52 8.60
N ALA A 23 5.53 1.56 8.61
CA ALA A 23 5.98 2.87 9.04
C ALA A 23 5.91 2.96 10.56
N LYS A 24 5.11 2.09 11.13
CA LYS A 24 4.95 2.05 12.58
C LYS A 24 6.08 1.23 13.20
N LYS A 25 6.62 0.32 12.40
CA LYS A 25 7.70 -0.53 12.86
C LYS A 25 9.03 0.22 12.71
N ILE A 26 9.21 0.83 11.55
CA ILE A 26 10.42 1.58 11.28
C ILE A 26 10.53 2.74 12.27
N LEU A 27 9.38 3.14 12.79
CA LEU A 27 9.33 4.24 13.74
C LEU A 27 9.74 3.72 15.13
N GLY A 1 0.60 -15.21 -8.99
CA GLY A 1 0.27 -15.59 -10.35
C GLY A 1 1.24 -14.97 -11.34
N TRP A 2 0.99 -15.24 -12.62
CA TRP A 2 1.83 -14.70 -13.68
C TRP A 2 1.23 -13.37 -14.14
N THR A 3 1.26 -12.41 -13.23
CA THR A 3 0.73 -11.08 -13.53
C THR A 3 1.57 -10.00 -12.85
N LEU A 4 1.27 -9.78 -11.58
CA LEU A 4 1.99 -8.78 -10.81
C LEU A 4 1.56 -7.39 -11.26
N ASN A 5 1.72 -7.16 -12.56
CA ASN A 5 1.35 -5.88 -13.14
C ASN A 5 -0.13 -5.60 -12.89
N SER A 6 -0.84 -6.66 -12.54
CA SER A 6 -2.27 -6.56 -12.27
C SER A 6 -2.48 -5.96 -10.87
N ALA A 7 -2.01 -6.69 -9.87
CA ALA A 7 -2.15 -6.25 -8.50
C ALA A 7 -1.32 -4.98 -8.28
N GLY A 8 -0.49 -4.69 -9.27
CA GLY A 8 0.36 -3.50 -9.21
C GLY A 8 -0.46 -2.25 -8.91
N TYR A 9 -1.47 -2.04 -9.75
CA TYR A 9 -2.34 -0.88 -9.59
C TYR A 9 -3.23 -1.03 -8.36
N LEU A 10 -3.34 -2.27 -7.89
CA LEU A 10 -4.15 -2.55 -6.72
C LEU A 10 -3.24 -3.00 -5.57
N LEU A 11 -2.05 -2.43 -5.54
CA LEU A 11 -1.08 -2.76 -4.51
C LEU A 11 -0.99 -1.61 -3.51
N GLY A 12 -1.05 -0.40 -4.04
CA GLY A 12 -0.98 0.79 -3.20
C GLY A 12 -2.28 1.00 -2.43
N LYS A 13 -3.38 0.59 -3.05
CA LYS A 13 -4.68 0.72 -2.45
C LYS A 13 -4.71 -0.06 -1.13
N ILE A 14 -3.73 -0.94 -0.98
CA ILE A 14 -3.63 -1.75 0.22
C ILE A 14 -2.31 -1.45 0.92
N ASN A 15 -1.23 -1.55 0.15
CA ASN A 15 0.11 -1.31 0.67
C ASN A 15 0.05 -0.10 1.63
N LEU A 16 -0.88 0.80 1.33
CA LEU A 16 -1.04 1.99 2.15
C LEU A 16 -1.33 1.58 3.60
N LYS A 17 -2.34 0.74 3.75
CA LYS A 17 -2.73 0.26 5.06
C LYS A 17 -1.54 -0.47 5.70
N ALA A 18 -0.89 -1.29 4.90
CA ALA A 18 0.26 -2.05 5.37
C ALA A 18 1.40 -1.09 5.70
N LEU A 19 1.38 0.05 5.03
CA LEU A 19 2.40 1.05 5.23
C LEU A 19 2.36 1.53 6.70
N ALA A 20 1.16 1.91 7.12
CA ALA A 20 0.98 2.38 8.48
C ALA A 20 1.63 1.39 9.46
N ALA A 21 1.77 0.16 8.99
CA ALA A 21 2.37 -0.89 9.81
C ALA A 21 3.88 -0.87 9.60
N LEU A 22 4.29 -0.57 8.37
CA LEU A 22 5.70 -0.51 8.04
C LEU A 22 6.31 0.77 8.60
N ALA A 23 5.46 1.79 8.72
CA ALA A 23 5.91 3.07 9.24
C ALA A 23 5.88 3.04 10.77
N LYS A 24 5.11 2.10 11.29
CA LYS A 24 4.98 1.94 12.73
C LYS A 24 6.12 1.06 13.25
N LYS A 25 6.61 0.21 12.36
CA LYS A 25 7.70 -0.69 12.71
C LYS A 25 9.04 0.05 12.57
N ILE A 26 9.19 0.71 11.43
CA ILE A 26 10.41 1.46 11.15
C ILE A 26 10.53 2.61 12.15
N LEU A 27 9.38 3.00 12.69
CA LEU A 27 9.35 4.09 13.65
C LEU A 27 10.47 3.90 14.68
N GLY A 1 -2.93 -16.00 -10.88
CA GLY A 1 -3.34 -16.00 -9.49
C GLY A 1 -3.25 -14.61 -8.88
N TRP A 2 -2.02 -14.17 -8.65
CA TRP A 2 -1.78 -12.86 -8.07
C TRP A 2 -1.57 -11.88 -9.22
N THR A 3 -2.68 -11.37 -9.73
CA THR A 3 -2.62 -10.42 -10.84
C THR A 3 -1.56 -9.35 -10.56
N LEU A 4 -1.30 -8.55 -11.58
CA LEU A 4 -0.31 -7.49 -11.47
C LEU A 4 -0.90 -6.19 -12.02
N ASN A 5 -1.52 -6.32 -13.19
CA ASN A 5 -2.12 -5.16 -13.84
C ASN A 5 -3.38 -4.75 -13.06
N SER A 6 -3.87 -5.68 -12.26
CA SER A 6 -5.06 -5.43 -11.47
C SER A 6 -4.67 -5.11 -10.03
N ALA A 7 -3.88 -6.00 -9.46
CA ALA A 7 -3.43 -5.83 -8.08
C ALA A 7 -2.31 -4.79 -8.04
N GLY A 8 -1.97 -4.29 -9.22
CA GLY A 8 -0.92 -3.29 -9.34
C GLY A 8 -1.40 -1.93 -8.81
N TYR A 9 -2.53 -1.49 -9.34
CA TYR A 9 -3.09 -0.22 -8.95
C TYR A 9 -3.75 -0.33 -7.57
N LEU A 10 -3.72 -1.54 -7.02
CA LEU A 10 -4.30 -1.78 -5.71
C LEU A 10 -3.18 -1.92 -4.68
N LEU A 11 -2.07 -2.51 -5.13
CA LEU A 11 -0.93 -2.70 -4.26
C LEU A 11 -0.72 -1.45 -3.40
N GLY A 12 -0.78 -0.31 -4.06
CA GLY A 12 -0.59 0.97 -3.37
C GLY A 12 -1.67 1.17 -2.31
N LYS A 13 -2.92 1.03 -2.73
CA LYS A 13 -4.03 1.19 -1.83
C LYS A 13 -3.82 0.32 -0.58
N ILE A 14 -3.76 -0.98 -0.82
CA ILE A 14 -3.56 -1.93 0.26
C ILE A 14 -2.26 -1.58 1.00
N ASN A 15 -1.19 -1.52 0.23
CA ASN A 15 0.11 -1.20 0.79
C ASN A 15 -0.01 0.04 1.67
N LEU A 16 -1.00 0.86 1.36
CA LEU A 16 -1.24 2.07 2.12
C LEU A 16 -1.59 1.71 3.57
N LYS A 17 -2.25 0.58 3.72
CA LYS A 17 -2.65 0.11 5.03
C LYS A 17 -1.47 -0.60 5.70
N ALA A 18 -0.80 -1.44 4.91
CA ALA A 18 0.34 -2.18 5.41
C ALA A 18 1.49 -1.21 5.70
N LEU A 19 1.45 -0.07 5.03
CA LEU A 19 2.47 0.94 5.20
C LEU A 19 2.42 1.46 6.64
N ALA A 20 1.21 1.84 7.06
CA ALA A 20 1.02 2.37 8.40
C ALA A 20 1.67 1.41 9.41
N ALA A 21 1.81 0.16 8.99
CA ALA A 21 2.41 -0.85 9.84
C ALA A 21 3.93 -0.84 9.65
N LEU A 22 4.33 -0.60 8.41
CA LEU A 22 5.75 -0.57 8.07
C LEU A 22 6.35 0.73 8.61
N ALA A 23 5.51 1.76 8.68
CA ALA A 23 5.94 3.05 9.16
C ALA A 23 5.91 3.07 10.69
N LYS A 24 5.11 2.16 11.23
CA LYS A 24 4.97 2.06 12.68
C LYS A 24 6.08 1.15 13.23
N LYS A 25 6.55 0.26 12.37
CA LYS A 25 7.60 -0.67 12.75
C LYS A 25 8.96 0.04 12.60
N ILE A 26 9.12 0.70 11.48
CA ILE A 26 10.37 1.41 11.20
C ILE A 26 10.56 2.52 12.25
N LEU A 27 9.45 2.93 12.84
CA LEU A 27 9.49 3.97 13.85
C LEU A 27 10.53 3.61 14.91
N GLY A 1 -0.20 16.30 -11.93
CA GLY A 1 -0.15 17.59 -11.25
C GLY A 1 0.08 17.41 -9.76
N TRP A 2 0.82 16.35 -9.43
CA TRP A 2 1.11 16.07 -8.04
C TRP A 2 -0.20 16.07 -7.25
N THR A 3 -1.10 15.19 -7.66
CA THR A 3 -2.39 15.08 -7.00
C THR A 3 -2.22 14.64 -5.55
N LEU A 4 -3.09 15.17 -4.70
CA LEU A 4 -3.05 14.85 -3.28
C LEU A 4 -4.09 13.77 -2.98
N ASN A 5 -5.13 13.76 -3.79
CA ASN A 5 -6.21 12.80 -3.63
C ASN A 5 -5.77 11.45 -4.23
N SER A 6 -5.00 11.54 -5.29
CA SER A 6 -4.51 10.34 -5.97
C SER A 6 -3.42 9.68 -5.13
N ALA A 7 -2.44 10.50 -4.74
CA ALA A 7 -1.33 10.01 -3.95
C ALA A 7 -1.78 9.86 -2.49
N GLY A 8 -3.03 10.20 -2.26
CA GLY A 8 -3.61 10.11 -0.92
C GLY A 8 -3.48 8.69 -0.37
N TYR A 9 -4.01 7.74 -1.13
CA TYR A 9 -3.97 6.35 -0.73
C TYR A 9 -4.29 5.43 -1.92
N LEU A 10 -3.96 5.92 -3.11
CA LEU A 10 -4.20 5.16 -4.32
C LEU A 10 -2.86 4.69 -4.90
N LEU A 11 -1.84 4.77 -4.07
CA LEU A 11 -0.50 4.37 -4.49
C LEU A 11 -0.44 2.84 -4.55
N GLY A 12 -0.81 2.22 -3.45
CA GLY A 12 -0.80 0.76 -3.36
C GLY A 12 -2.20 0.22 -3.06
N LYS A 13 -3.09 1.14 -2.72
CA LYS A 13 -4.47 0.76 -2.41
C LYS A 13 -4.49 0.03 -1.07
N ILE A 14 -3.69 -1.01 -0.99
CA ILE A 14 -3.61 -1.81 0.22
C ILE A 14 -2.31 -1.50 0.95
N ASN A 15 -1.22 -1.51 0.19
CA ASN A 15 0.09 -1.23 0.76
C ASN A 15 0.01 0.01 1.65
N LEU A 16 -0.96 0.84 1.34
CA LEU A 16 -1.17 2.07 2.12
C LEU A 16 -1.49 1.71 3.56
N LYS A 17 -2.32 0.69 3.72
CA LYS A 17 -2.70 0.24 5.05
C LYS A 17 -1.52 -0.51 5.69
N ALA A 18 -0.91 -1.36 4.90
CA ALA A 18 0.22 -2.15 5.38
C ALA A 18 1.39 -1.20 5.67
N LEU A 19 1.38 -0.05 5.00
CA LEU A 19 2.42 0.93 5.18
C LEU A 19 2.38 1.45 6.62
N ALA A 20 1.20 1.85 7.04
CA ALA A 20 1.00 2.38 8.38
C ALA A 20 1.64 1.41 9.38
N ALA A 21 1.73 0.15 8.97
CA ALA A 21 2.31 -0.88 9.82
C ALA A 21 3.83 -0.91 9.62
N LEU A 22 4.23 -0.63 8.38
CA LEU A 22 5.64 -0.64 8.04
C LEU A 22 6.29 0.65 8.55
N ALA A 23 5.47 1.68 8.68
CA ALA A 23 5.94 2.96 9.16
C ALA A 23 5.90 2.98 10.69
N LYS A 24 5.17 2.02 11.24
CA LYS A 24 5.04 1.90 12.69
C LYS A 24 6.21 1.10 13.24
N LYS A 25 6.70 0.17 12.42
CA LYS A 25 7.81 -0.67 12.81
C LYS A 25 9.11 0.13 12.69
N ILE A 26 9.25 0.82 11.56
CA ILE A 26 10.43 1.62 11.30
C ILE A 26 10.58 2.67 12.41
N LEU A 27 9.45 2.97 13.05
CA LEU A 27 9.44 3.95 14.12
C LEU A 27 9.84 3.27 15.43
N GLY A 1 0.79 -10.83 -12.84
CA GLY A 1 0.57 -9.75 -13.78
C GLY A 1 -0.84 -9.16 -13.63
N TRP A 2 -0.95 -7.88 -13.92
CA TRP A 2 -2.22 -7.19 -13.82
C TRP A 2 -2.05 -5.78 -14.37
N THR A 3 -1.36 -5.69 -15.50
CA THR A 3 -1.11 -4.42 -16.14
C THR A 3 -0.66 -3.38 -15.11
N LEU A 4 -0.60 -2.13 -15.55
CA LEU A 4 -0.18 -1.05 -14.68
C LEU A 4 -1.43 -0.31 -14.18
N ASN A 5 -2.53 -0.52 -14.89
CA ASN A 5 -3.78 0.12 -14.52
C ASN A 5 -4.55 -0.80 -13.57
N SER A 6 -4.20 -2.07 -13.60
CA SER A 6 -4.84 -3.05 -12.75
C SER A 6 -4.02 -3.26 -11.48
N ALA A 7 -2.73 -3.49 -11.68
CA ALA A 7 -1.82 -3.70 -10.56
C ALA A 7 -1.32 -2.35 -10.05
N GLY A 8 -1.96 -1.30 -10.51
CA GLY A 8 -1.58 0.05 -10.11
C GLY A 8 -2.70 0.71 -9.31
N TYR A 9 -3.71 -0.08 -8.99
CA TYR A 9 -4.84 0.42 -8.21
C TYR A 9 -4.92 -0.27 -6.85
N LEU A 10 -4.41 -1.49 -6.81
CA LEU A 10 -4.42 -2.25 -5.58
C LEU A 10 -2.98 -2.57 -5.16
N LEU A 11 -2.07 -1.69 -5.59
CA LEU A 11 -0.66 -1.86 -5.27
C LEU A 11 -0.23 -0.78 -4.27
N GLY A 12 -1.06 0.26 -4.19
CA GLY A 12 -0.78 1.36 -3.29
C GLY A 12 -1.82 1.44 -2.17
N LYS A 13 -3.08 1.36 -2.58
CA LYS A 13 -4.17 1.43 -1.63
C LYS A 13 -3.86 0.53 -0.43
N ILE A 14 -4.17 -0.75 -0.59
CA ILE A 14 -3.92 -1.71 0.48
C ILE A 14 -2.55 -1.44 1.09
N ASN A 15 -1.53 -1.48 0.23
CA ASN A 15 -0.16 -1.25 0.68
C ASN A 15 -0.15 -0.07 1.65
N LEU A 16 -1.00 0.90 1.37
CA LEU A 16 -1.09 2.09 2.20
C LEU A 16 -1.34 1.67 3.65
N LYS A 17 -2.27 0.74 3.82
CA LYS A 17 -2.61 0.25 5.13
C LYS A 17 -1.41 -0.49 5.73
N ALA A 18 -0.80 -1.32 4.89
CA ALA A 18 0.37 -2.09 5.32
C ALA A 18 1.52 -1.13 5.62
N LEU A 19 1.48 0.01 4.95
CA LEU A 19 2.52 1.02 5.14
C LEU A 19 2.45 1.56 6.57
N ALA A 20 1.24 1.78 7.03
CA ALA A 20 1.02 2.29 8.38
C ALA A 20 1.66 1.32 9.38
N ALA A 21 1.80 0.08 8.95
CA ALA A 21 2.38 -0.94 9.80
C ALA A 21 3.90 -0.93 9.63
N LEU A 22 4.32 -0.65 8.40
CA LEU A 22 5.74 -0.61 8.08
C LEU A 22 6.34 0.70 8.60
N ALA A 23 5.49 1.71 8.69
CA ALA A 23 5.93 3.01 9.17
C ALA A 23 5.85 3.03 10.70
N LYS A 24 5.11 2.08 11.24
CA LYS A 24 4.94 1.98 12.68
C LYS A 24 6.09 1.14 13.25
N LYS A 25 6.57 0.21 12.45
CA LYS A 25 7.66 -0.66 12.86
C LYS A 25 8.99 0.08 12.70
N ILE A 26 9.17 0.67 11.53
CA ILE A 26 10.39 1.41 11.25
C ILE A 26 10.48 2.62 12.19
N LEU A 27 9.33 3.02 12.69
CA LEU A 27 9.26 4.15 13.60
C LEU A 27 8.91 3.65 15.01
N GLY A 1 4.33 6.73 -15.76
CA GLY A 1 3.02 6.11 -15.85
C GLY A 1 2.10 6.60 -14.74
N TRP A 2 2.59 6.53 -13.52
CA TRP A 2 1.82 6.96 -12.36
C TRP A 2 2.76 7.72 -11.43
N THR A 3 2.18 8.66 -10.70
CA THR A 3 2.95 9.47 -9.77
C THR A 3 3.84 8.57 -8.90
N LEU A 4 4.63 9.22 -8.05
CA LEU A 4 5.52 8.50 -7.16
C LEU A 4 5.07 8.69 -5.71
N ASN A 5 4.52 9.87 -5.46
CA ASN A 5 4.05 10.20 -4.13
C ASN A 5 2.60 9.70 -3.97
N SER A 6 1.92 9.58 -5.10
CA SER A 6 0.55 9.12 -5.10
C SER A 6 0.50 7.62 -5.35
N ALA A 7 1.31 7.18 -6.31
CA ALA A 7 1.37 5.76 -6.65
C ALA A 7 2.24 5.03 -5.63
N GLY A 8 2.71 5.79 -4.65
CA GLY A 8 3.55 5.23 -3.61
C GLY A 8 2.75 4.25 -2.74
N TYR A 9 1.68 4.77 -2.16
CA TYR A 9 0.83 3.95 -1.30
C TYR A 9 -0.61 4.49 -1.28
N LEU A 10 -1.00 5.05 -2.41
CA LEU A 10 -2.34 5.61 -2.53
C LEU A 10 -2.94 5.19 -3.88
N LEU A 11 -2.67 3.95 -4.25
CA LEU A 11 -3.17 3.41 -5.51
C LEU A 11 -4.17 2.28 -5.22
N GLY A 12 -3.84 1.49 -4.21
CA GLY A 12 -4.69 0.38 -3.82
C GLY A 12 -5.21 0.56 -2.39
N LYS A 13 -4.61 1.51 -1.69
CA LYS A 13 -5.00 1.79 -0.32
C LYS A 13 -4.38 0.74 0.60
N ILE A 14 -4.66 -0.52 0.28
CA ILE A 14 -4.15 -1.62 1.08
C ILE A 14 -2.66 -1.39 1.36
N ASN A 15 -1.89 -1.27 0.28
CA ASN A 15 -0.47 -1.05 0.41
C ASN A 15 -0.21 0.08 1.42
N LEU A 16 -1.19 0.96 1.53
CA LEU A 16 -1.09 2.08 2.45
C LEU A 16 -1.25 1.57 3.89
N LYS A 17 -2.36 0.87 4.11
CA LYS A 17 -2.64 0.33 5.43
C LYS A 17 -1.43 -0.47 5.91
N ALA A 18 -0.87 -1.25 5.01
CA ALA A 18 0.29 -2.07 5.32
C ALA A 18 1.50 -1.16 5.58
N LEU A 19 1.51 -0.04 4.88
CA LEU A 19 2.60 0.92 5.03
C LEU A 19 2.57 1.50 6.44
N ALA A 20 1.36 1.73 6.93
CA ALA A 20 1.18 2.28 8.26
C ALA A 20 1.77 1.32 9.29
N ALA A 21 1.84 0.06 8.91
CA ALA A 21 2.37 -0.97 9.78
C ALA A 21 3.90 -1.04 9.60
N LEU A 22 4.32 -0.77 8.37
CA LEU A 22 5.74 -0.79 8.05
C LEU A 22 6.39 0.51 8.52
N ALA A 23 5.58 1.55 8.58
CA ALA A 23 6.06 2.86 9.01
C ALA A 23 5.95 2.96 10.53
N LYS A 24 5.14 2.07 11.09
CA LYS A 24 4.94 2.05 12.53
C LYS A 24 6.04 1.23 13.19
N LYS A 25 6.55 0.25 12.44
CA LYS A 25 7.60 -0.61 12.94
C LYS A 25 8.93 0.15 12.89
N ILE A 26 9.18 0.78 11.76
CA ILE A 26 10.40 1.54 11.57
C ILE A 26 10.26 2.90 12.26
N LEU A 27 9.05 3.44 12.20
CA LEU A 27 8.78 4.73 12.81
C LEU A 27 9.96 5.66 12.58
N GLY A 1 -9.70 -8.94 -4.81
CA GLY A 1 -10.26 -9.57 -5.99
C GLY A 1 -9.57 -10.91 -6.28
N TRP A 2 -9.14 -11.07 -7.52
CA TRP A 2 -8.48 -12.30 -7.92
C TRP A 2 -8.03 -12.13 -9.37
N THR A 3 -7.39 -11.00 -9.64
CA THR A 3 -6.92 -10.71 -10.98
C THR A 3 -6.14 -9.39 -11.00
N LEU A 4 -5.52 -9.12 -12.13
CA LEU A 4 -4.74 -7.90 -12.29
C LEU A 4 -5.54 -6.72 -11.74
N ASN A 5 -6.86 -6.88 -11.76
CA ASN A 5 -7.74 -5.83 -11.26
C ASN A 5 -7.31 -5.44 -9.85
N SER A 6 -6.72 -6.39 -9.15
CA SER A 6 -6.26 -6.17 -7.80
C SER A 6 -5.11 -5.15 -7.79
N ALA A 7 -4.11 -5.45 -8.60
CA ALA A 7 -2.95 -4.58 -8.70
C ALA A 7 -3.29 -3.39 -9.61
N GLY A 8 -4.52 -3.40 -10.10
CA GLY A 8 -4.98 -2.33 -10.97
C GLY A 8 -4.87 -0.97 -10.28
N TYR A 9 -5.42 -0.90 -9.08
CA TYR A 9 -5.39 0.33 -8.31
C TYR A 9 -5.80 0.08 -6.85
N LEU A 10 -5.43 -1.09 -6.36
CA LEU A 10 -5.74 -1.47 -5.00
C LEU A 10 -4.45 -1.68 -4.21
N LEU A 11 -3.49 -2.31 -4.88
CA LEU A 11 -2.20 -2.59 -4.26
C LEU A 11 -1.76 -1.37 -3.44
N GLY A 12 -1.90 -0.21 -4.08
CA GLY A 12 -1.52 1.05 -3.43
C GLY A 12 -2.34 1.28 -2.15
N LYS A 13 -3.65 1.21 -2.33
CA LYS A 13 -4.56 1.41 -1.21
C LYS A 13 -4.15 0.50 -0.05
N ILE A 14 -4.21 -0.80 -0.31
CA ILE A 14 -3.85 -1.78 0.70
C ILE A 14 -2.41 -1.52 1.16
N ASN A 15 -1.51 -1.47 0.20
CA ASN A 15 -0.11 -1.23 0.49
C ASN A 15 0.01 -0.02 1.42
N LEU A 16 -0.99 0.85 1.34
CA LEU A 16 -1.01 2.04 2.16
C LEU A 16 -1.37 1.67 3.60
N LYS A 17 -2.27 0.72 3.73
CA LYS A 17 -2.70 0.25 5.03
C LYS A 17 -1.55 -0.47 5.73
N ALA A 18 -0.87 -1.32 4.95
CA ALA A 18 0.25 -2.08 5.47
C ALA A 18 1.42 -1.12 5.74
N LEU A 19 1.42 -0.01 5.02
CA LEU A 19 2.46 0.99 5.17
C LEU A 19 2.43 1.54 6.60
N ALA A 20 1.22 1.80 7.07
CA ALA A 20 1.03 2.33 8.42
C ALA A 20 1.68 1.38 9.43
N ALA A 21 1.72 0.11 9.05
CA ALA A 21 2.31 -0.91 9.91
C ALA A 21 3.82 -0.95 9.68
N LEU A 22 4.21 -0.69 8.45
CA LEU A 22 5.62 -0.69 8.10
C LEU A 22 6.28 0.59 8.59
N ALA A 23 5.46 1.62 8.73
CA ALA A 23 5.94 2.91 9.20
C ALA A 23 5.90 2.94 10.73
N LYS A 24 5.17 1.98 11.28
CA LYS A 24 5.04 1.90 12.73
C LYS A 24 6.19 1.06 13.29
N LYS A 25 6.72 0.19 12.45
CA LYS A 25 7.81 -0.68 12.84
C LYS A 25 9.14 0.09 12.70
N ILE A 26 9.27 0.77 11.57
CA ILE A 26 10.48 1.53 11.31
C ILE A 26 10.38 2.89 12.03
N LEU A 27 9.16 3.40 12.09
CA LEU A 27 8.92 4.67 12.75
C LEU A 27 10.07 5.63 12.43
N GLY A 1 -9.44 -11.35 -7.73
CA GLY A 1 -8.48 -10.27 -7.85
C GLY A 1 -7.05 -10.77 -7.66
N TRP A 2 -6.29 -10.72 -8.75
CA TRP A 2 -4.91 -11.16 -8.72
C TRP A 2 -4.33 -11.01 -10.13
N THR A 3 -4.25 -9.76 -10.57
CA THR A 3 -3.73 -9.46 -11.89
C THR A 3 -3.48 -7.96 -12.04
N LEU A 4 -2.95 -7.59 -13.20
CA LEU A 4 -2.68 -6.19 -13.48
C LEU A 4 -3.81 -5.33 -12.92
N ASN A 5 -5.00 -5.90 -12.90
CA ASN A 5 -6.17 -5.20 -12.39
C ASN A 5 -5.91 -4.74 -10.96
N SER A 6 -5.51 -5.70 -10.13
CA SER A 6 -5.23 -5.41 -8.74
C SER A 6 -4.16 -4.33 -8.64
N ALA A 7 -2.99 -4.62 -9.19
CA ALA A 7 -1.88 -3.69 -9.17
C ALA A 7 -2.30 -2.40 -9.90
N GLY A 8 -3.38 -2.50 -10.65
CA GLY A 8 -3.88 -1.36 -11.40
C GLY A 8 -3.78 -0.08 -10.57
N TYR A 9 -4.44 -0.10 -9.41
CA TYR A 9 -4.43 1.04 -8.53
C TYR A 9 -5.01 0.69 -7.16
N LEU A 10 -4.74 -0.55 -6.74
CA LEU A 10 -5.23 -1.03 -5.46
C LEU A 10 -4.04 -1.34 -4.56
N LEU A 11 -3.07 -2.04 -5.12
CA LEU A 11 -1.88 -2.41 -4.38
C LEU A 11 -1.43 -1.22 -3.52
N GLY A 12 -1.40 -0.06 -4.14
CA GLY A 12 -1.00 1.16 -3.44
C GLY A 12 -1.93 1.45 -2.27
N LYS A 13 -3.22 1.49 -2.57
CA LYS A 13 -4.22 1.76 -1.55
C LYS A 13 -4.00 0.81 -0.37
N ILE A 14 -4.14 -0.48 -0.63
CA ILE A 14 -3.96 -1.47 0.39
C ILE A 14 -2.56 -1.33 1.01
N ASN A 15 -1.57 -1.36 0.14
CA ASN A 15 -0.18 -1.22 0.57
C ASN A 15 -0.06 -0.01 1.51
N LEU A 16 -0.98 0.92 1.33
CA LEU A 16 -0.99 2.12 2.15
C LEU A 16 -1.36 1.75 3.60
N LYS A 17 -2.28 0.79 3.71
CA LYS A 17 -2.73 0.35 5.01
C LYS A 17 -1.61 -0.41 5.70
N ALA A 18 -0.95 -1.28 4.93
CA ALA A 18 0.14 -2.07 5.46
C ALA A 18 1.34 -1.16 5.73
N LEU A 19 1.38 -0.05 5.00
CA LEU A 19 2.46 0.91 5.15
C LEU A 19 2.44 1.47 6.57
N ALA A 20 1.23 1.75 7.06
CA ALA A 20 1.07 2.29 8.39
C ALA A 20 1.67 1.31 9.41
N ALA A 21 1.76 0.05 9.00
CA ALA A 21 2.32 -0.97 9.86
C ALA A 21 3.83 -1.04 9.66
N LEU A 22 4.24 -0.78 8.43
CA LEU A 22 5.66 -0.82 8.08
C LEU A 22 6.32 0.47 8.58
N ALA A 23 5.51 1.53 8.64
CA ALA A 23 6.01 2.82 9.09
C ALA A 23 5.98 2.87 10.62
N LYS A 24 5.19 1.96 11.19
CA LYS A 24 5.06 1.89 12.63
C LYS A 24 6.22 1.09 13.21
N LYS A 25 6.77 0.22 12.37
CA LYS A 25 7.89 -0.62 12.78
C LYS A 25 9.17 0.21 12.77
N ILE A 26 9.38 0.90 11.66
CA ILE A 26 10.56 1.73 11.51
C ILE A 26 10.35 3.05 12.24
N LEU A 27 9.10 3.50 12.24
CA LEU A 27 8.75 4.74 12.90
C LEU A 27 9.85 5.77 12.64
N GLY A 1 -9.63 -0.76 -15.51
CA GLY A 1 -9.42 -0.31 -16.88
C GLY A 1 -10.18 0.98 -17.16
N TRP A 2 -9.59 2.08 -16.74
CA TRP A 2 -10.21 3.38 -16.94
C TRP A 2 -9.09 4.43 -17.00
N THR A 3 -8.52 4.71 -15.83
CA THR A 3 -7.44 5.69 -15.74
C THR A 3 -6.79 5.63 -14.36
N LEU A 4 -6.23 6.76 -13.96
CA LEU A 4 -5.56 6.85 -12.67
C LEU A 4 -6.59 6.58 -11.56
N ASN A 5 -7.85 6.70 -11.92
CA ASN A 5 -8.93 6.47 -10.98
C ASN A 5 -8.95 4.99 -10.58
N SER A 6 -8.29 4.19 -11.40
CA SER A 6 -8.23 2.76 -11.14
C SER A 6 -7.08 2.44 -10.19
N ALA A 7 -5.88 2.82 -10.61
CA ALA A 7 -4.70 2.59 -9.80
C ALA A 7 -4.47 3.79 -8.88
N GLY A 8 -5.52 4.57 -8.73
CA GLY A 8 -5.44 5.76 -7.88
C GLY A 8 -5.75 5.41 -6.42
N TYR A 9 -6.60 4.42 -6.25
CA TYR A 9 -6.98 3.97 -4.92
C TYR A 9 -6.75 2.47 -4.74
N LEU A 10 -6.21 1.87 -5.80
CA LEU A 10 -5.94 0.44 -5.78
C LEU A 10 -4.54 0.20 -5.21
N LEU A 11 -3.74 1.25 -5.24
CA LEU A 11 -2.38 1.17 -4.73
C LEU A 11 -2.29 1.90 -3.39
N GLY A 12 -3.25 1.59 -2.53
CA GLY A 12 -3.29 2.21 -1.21
C GLY A 12 -4.36 1.56 -0.34
N LYS A 13 -5.46 1.18 -0.98
CA LYS A 13 -6.56 0.55 -0.28
C LYS A 13 -6.01 -0.39 0.79
N ILE A 14 -4.84 -0.95 0.49
CA ILE A 14 -4.20 -1.87 1.42
C ILE A 14 -2.71 -1.50 1.53
N ASN A 15 -2.07 -1.38 0.39
CA ASN A 15 -0.65 -1.05 0.35
C ASN A 15 -0.35 -0.02 1.45
N LEU A 16 -1.19 1.00 1.51
CA LEU A 16 -1.03 2.05 2.50
C LEU A 16 -1.18 1.45 3.90
N LYS A 17 -2.27 0.71 4.07
CA LYS A 17 -2.53 0.07 5.35
C LYS A 17 -1.29 -0.69 5.82
N ALA A 18 -0.66 -1.37 4.87
CA ALA A 18 0.54 -2.13 5.16
C ALA A 18 1.68 -1.17 5.48
N LEU A 19 1.61 0.01 4.90
CA LEU A 19 2.63 1.02 5.10
C LEU A 19 2.53 1.54 6.55
N ALA A 20 1.33 1.95 6.91
CA ALA A 20 1.10 2.47 8.26
C ALA A 20 1.69 1.50 9.28
N ALA A 21 1.82 0.25 8.86
CA ALA A 21 2.37 -0.78 9.74
C ALA A 21 3.89 -0.81 9.58
N LEU A 22 4.34 -0.53 8.37
CA LEU A 22 5.76 -0.52 8.08
C LEU A 22 6.38 0.77 8.63
N ALA A 23 5.56 1.80 8.68
CA ALA A 23 6.01 3.09 9.18
C ALA A 23 5.90 3.11 10.70
N LYS A 24 5.07 2.21 11.22
CA LYS A 24 4.89 2.11 12.65
C LYS A 24 5.96 1.21 13.25
N LYS A 25 6.44 0.29 12.42
CA LYS A 25 7.46 -0.64 12.85
C LYS A 25 8.84 0.02 12.73
N ILE A 26 9.06 0.63 11.58
CA ILE A 26 10.33 1.30 11.33
C ILE A 26 10.47 2.48 12.30
N LEU A 27 9.33 2.95 12.79
CA LEU A 27 9.32 4.06 13.72
C LEU A 27 9.16 3.52 15.15
N GLY A 1 -2.02 -7.86 -21.49
CA GLY A 1 -1.57 -6.60 -20.93
C GLY A 1 -2.34 -6.29 -19.64
N TRP A 2 -2.27 -5.02 -19.24
CA TRP A 2 -2.95 -4.57 -18.04
C TRP A 2 -2.83 -3.05 -17.98
N THR A 3 -3.94 -2.42 -17.64
CA THR A 3 -3.98 -0.97 -17.53
C THR A 3 -2.67 -0.44 -16.94
N LEU A 4 -2.31 -1.01 -15.80
CA LEU A 4 -1.09 -0.61 -15.11
C LEU A 4 -1.28 0.78 -14.49
N ASN A 5 -1.68 1.72 -15.35
CA ASN A 5 -1.90 3.08 -14.90
C ASN A 5 -3.13 3.12 -13.98
N SER A 6 -4.08 2.25 -14.28
CA SER A 6 -5.30 2.17 -13.50
C SER A 6 -5.02 1.48 -12.16
N ALA A 7 -4.30 0.37 -12.25
CA ALA A 7 -3.96 -0.39 -11.06
C ALA A 7 -2.82 0.31 -10.32
N GLY A 8 -2.39 1.43 -10.88
CA GLY A 8 -1.31 2.20 -10.30
C GLY A 8 -1.68 2.70 -8.90
N TYR A 9 -2.95 3.07 -8.76
CA TYR A 9 -3.46 3.56 -7.49
C TYR A 9 -4.27 2.48 -6.77
N LEU A 10 -3.99 1.24 -7.13
CA LEU A 10 -4.68 0.11 -6.53
C LEU A 10 -3.71 -0.63 -5.61
N LEU A 11 -2.45 -0.27 -5.72
CA LEU A 11 -1.41 -0.90 -4.90
C LEU A 11 -1.22 -0.08 -3.62
N GLY A 12 -2.26 0.64 -3.24
CA GLY A 12 -2.21 1.46 -2.05
C GLY A 12 -3.36 1.10 -1.09
N LYS A 13 -4.52 0.84 -1.67
CA LYS A 13 -5.69 0.49 -0.89
C LYS A 13 -5.27 -0.46 0.24
N ILE A 14 -4.22 -1.23 -0.03
CA ILE A 14 -3.72 -2.18 0.94
C ILE A 14 -2.33 -1.74 1.39
N ASN A 15 -1.45 -1.57 0.42
CA ASN A 15 -0.08 -1.15 0.71
C ASN A 15 -0.11 0.05 1.65
N LEU A 16 -0.99 0.99 1.34
CA LEU A 16 -1.13 2.18 2.15
C LEU A 16 -1.51 1.80 3.58
N LYS A 17 -2.19 0.66 3.68
CA LYS A 17 -2.63 0.17 4.98
C LYS A 17 -1.46 -0.55 5.66
N ALA A 18 -0.79 -1.38 4.88
CA ALA A 18 0.34 -2.14 5.40
C ALA A 18 1.50 -1.18 5.68
N LEU A 19 1.49 -0.06 4.97
CA LEU A 19 2.53 0.94 5.13
C LEU A 19 2.47 1.50 6.55
N ALA A 20 1.25 1.73 7.02
CA ALA A 20 1.04 2.25 8.35
C ALA A 20 1.67 1.30 9.37
N ALA A 21 1.80 0.05 8.97
CA ALA A 21 2.38 -0.97 9.84
C ALA A 21 3.90 -0.97 9.65
N LEU A 22 4.32 -0.70 8.43
CA LEU A 22 5.73 -0.67 8.11
C LEU A 22 6.35 0.64 8.62
N ALA A 23 5.51 1.66 8.68
CA ALA A 23 5.95 2.97 9.14
C ALA A 23 5.87 3.01 10.67
N LYS A 24 5.13 2.06 11.22
CA LYS A 24 4.97 1.98 12.66
C LYS A 24 6.13 1.17 13.26
N LYS A 25 6.60 0.22 12.47
CA LYS A 25 7.70 -0.63 12.91
C LYS A 25 9.02 0.12 12.75
N ILE A 26 9.21 0.67 11.55
CA ILE A 26 10.42 1.42 11.26
C ILE A 26 10.50 2.63 12.19
N LEU A 27 9.34 3.04 12.69
CA LEU A 27 9.27 4.18 13.58
C LEU A 27 9.88 3.80 14.93
#